data_5H01
#
_entry.id   5H01
#
_cell.length_a   89.713
_cell.length_b   97.181
_cell.length_c   93.750
_cell.angle_alpha   90.00
_cell.angle_beta   107.53
_cell.angle_gamma   90.00
#
_symmetry.space_group_name_H-M   'P 1 21 1'
#
loop_
_entity.id
_entity.type
_entity.pdbx_description
1 polymer '(R)-2-haloacid dehalogenase'
2 water water
#
_entity_poly.entity_id   1
_entity_poly.type   'polypeptide(L)'
_entity_poly.pdbx_seq_one_letter_code
;MNLPDNSIHLQLPRPVCEAIIRPVPEHRADQELSEIYRDLKATFGVPWVGVITQAVAYYRPFFAEAWRRFAPSAKTHFFE
RASDDIRIRSWELMGQSFVIEGQTDRLREMGYSVREIGQIRAVLDIFDYGNPKYLIFATAIKEGLLSGRTFGGAAGDARC
HFPRSPICQIDPIPVMVEEHHAGGTLSQVYADIKQTLQLPFINSDYKAMARWPSYLEQAWGALKPCIDTPAYQAGRFDIN
ARALAALDALPTAYRMSRDDALQAGLSEAQTDELIQVISLFQWMLSGIVLNVTHFKQQALKLEHHHHHH
;
_entity_poly.pdbx_strand_id   A,B,C,D
#
# COMPACT_ATOMS: atom_id res chain seq x y z
N HIS A 9 17.00 -45.27 -3.94
CA HIS A 9 15.81 -45.22 -4.78
C HIS A 9 14.57 -44.82 -4.00
N LEU A 10 14.77 -44.07 -2.92
CA LEU A 10 13.66 -43.67 -2.05
C LEU A 10 12.67 -42.80 -2.82
N GLN A 11 11.41 -43.25 -2.86
CA GLN A 11 10.36 -42.58 -3.63
C GLN A 11 9.06 -42.54 -2.85
N LEU A 12 8.26 -41.49 -3.02
CA LEU A 12 6.97 -41.40 -2.34
C LEU A 12 5.85 -41.40 -3.38
N PRO A 13 4.86 -42.30 -3.18
CA PRO A 13 3.90 -42.68 -4.22
C PRO A 13 2.92 -41.57 -4.61
N ARG A 14 2.91 -41.19 -5.89
CA ARG A 14 1.80 -40.37 -6.37
C ARG A 14 0.55 -41.21 -6.17
N PRO A 15 -0.42 -40.66 -5.43
CA PRO A 15 -1.62 -41.45 -5.18
C PRO A 15 -2.60 -41.42 -6.33
N VAL A 16 -3.61 -42.28 -6.23
CA VAL A 16 -4.83 -42.16 -7.00
C VAL A 16 -5.47 -40.80 -6.68
N CYS A 17 -6.03 -40.14 -7.68
CA CYS A 17 -6.81 -38.94 -7.42
C CYS A 17 -8.04 -38.90 -8.33
N GLU A 18 -8.94 -39.85 -8.10
CA GLU A 18 -10.23 -39.94 -8.78
C GLU A 18 -11.02 -38.63 -8.67
N ALA A 19 -10.77 -37.89 -7.59
CA ALA A 19 -11.64 -36.80 -7.14
C ALA A 19 -11.53 -35.48 -7.90
N ILE A 20 -12.69 -34.88 -8.15
CA ILE A 20 -12.80 -33.53 -8.68
C ILE A 20 -12.30 -32.55 -7.61
N ILE A 21 -11.47 -31.59 -8.00
CA ILE A 21 -11.06 -30.55 -7.07
C ILE A 21 -11.91 -29.31 -7.33
N ARG A 22 -12.27 -28.58 -6.26
CA ARG A 22 -13.15 -27.41 -6.41
C ARG A 22 -12.68 -26.20 -5.56
N PRO A 23 -11.50 -25.66 -5.90
CA PRO A 23 -10.96 -24.50 -5.17
C PRO A 23 -11.86 -23.25 -5.23
N VAL A 24 -12.01 -22.56 -4.10
CA VAL A 24 -12.68 -21.26 -4.08
C VAL A 24 -11.60 -20.21 -4.02
N PRO A 25 -11.26 -19.61 -5.18
CA PRO A 25 -10.16 -18.63 -5.18
C PRO A 25 -10.51 -17.39 -4.34
N GLU A 26 -9.52 -16.59 -3.96
CA GLU A 26 -9.79 -15.44 -3.08
C GLU A 26 -10.69 -14.40 -3.76
N HIS A 27 -10.53 -14.25 -5.07
CA HIS A 27 -11.35 -13.26 -5.75
C HIS A 27 -12.81 -13.73 -5.86
N ARG A 28 -13.06 -15.00 -5.58
CA ARG A 28 -14.43 -15.52 -5.50
C ARG A 28 -15.00 -15.71 -4.10
N ALA A 29 -14.16 -15.69 -3.07
CA ALA A 29 -14.60 -16.09 -1.73
C ALA A 29 -15.67 -15.15 -1.17
N ASP A 30 -16.62 -15.70 -0.39
CA ASP A 30 -17.68 -14.84 0.17
C ASP A 30 -17.21 -14.34 1.53
N GLN A 31 -18.05 -13.56 2.22
CA GLN A 31 -17.57 -12.86 3.41
C GLN A 31 -17.12 -13.82 4.49
N GLU A 32 -17.91 -14.86 4.74
CA GLU A 32 -17.60 -15.87 5.74
C GLU A 32 -16.26 -16.53 5.43
N LEU A 33 -16.13 -17.05 4.22
CA LEU A 33 -14.91 -17.71 3.79
C LEU A 33 -13.71 -16.76 3.81
N SER A 34 -13.86 -15.56 3.23
CA SER A 34 -12.78 -14.56 3.19
C SER A 34 -12.24 -14.24 4.59
N GLU A 35 -13.11 -14.34 5.58
CA GLU A 35 -12.69 -14.12 6.96
C GLU A 35 -11.75 -15.23 7.48
N ILE A 36 -12.03 -16.47 7.10
CA ILE A 36 -11.14 -17.57 7.50
C ILE A 36 -9.87 -17.42 6.68
N TYR A 37 -10.04 -16.98 5.44
CA TYR A 37 -8.90 -16.71 4.58
C TYR A 37 -8.00 -15.66 5.20
N ARG A 38 -8.56 -14.67 5.87
CA ARG A 38 -7.71 -13.61 6.42
C ARG A 38 -6.98 -14.11 7.63
N ASP A 39 -7.67 -14.92 8.42
CA ASP A 39 -7.08 -15.43 9.64
C ASP A 39 -5.94 -16.39 9.29
N LEU A 40 -6.16 -17.19 8.26
CA LEU A 40 -5.16 -18.07 7.72
C LEU A 40 -3.91 -17.30 7.31
N LYS A 41 -4.07 -16.29 6.48
CA LYS A 41 -2.93 -15.53 5.96
C LYS A 41 -2.25 -14.80 7.09
N ALA A 42 -3.03 -14.22 7.98
CA ALA A 42 -2.44 -13.46 9.08
C ALA A 42 -1.58 -14.36 9.99
N THR A 43 -2.11 -15.54 10.35
CA THR A 43 -1.41 -16.48 11.24
C THR A 43 -0.12 -17.01 10.64
N PHE A 44 -0.21 -17.54 9.42
CA PHE A 44 0.96 -18.01 8.71
C PHE A 44 1.89 -16.86 8.39
N GLY A 45 1.32 -15.70 8.08
CA GLY A 45 2.12 -14.56 7.74
C GLY A 45 2.51 -14.54 6.28
N VAL A 46 1.56 -14.93 5.43
CA VAL A 46 1.74 -15.01 3.99
C VAL A 46 0.64 -14.17 3.33
N PRO A 47 0.90 -13.65 2.12
CA PRO A 47 -0.10 -12.79 1.46
C PRO A 47 -1.05 -13.52 0.51
N TRP A 48 -1.07 -14.85 0.53
CA TRP A 48 -1.92 -15.64 -0.38
C TRP A 48 -2.51 -16.85 0.28
N VAL A 49 -3.78 -17.14 -0.02
CA VAL A 49 -4.36 -18.42 0.33
C VAL A 49 -3.97 -19.46 -0.74
N GLY A 50 -3.34 -20.54 -0.30
CA GLY A 50 -2.87 -21.57 -1.20
C GLY A 50 -3.98 -22.41 -1.80
N VAL A 51 -3.73 -22.94 -3.00
CA VAL A 51 -4.70 -23.80 -3.67
C VAL A 51 -5.11 -24.99 -2.79
N ILE A 52 -4.15 -25.55 -2.03
CA ILE A 52 -4.48 -26.63 -1.08
C ILE A 52 -5.65 -26.20 -0.19
N THR A 53 -5.51 -25.07 0.48
CA THR A 53 -6.55 -24.57 1.37
C THR A 53 -7.77 -24.00 0.59
N GLN A 54 -7.58 -23.57 -0.65
CA GLN A 54 -8.73 -23.21 -1.50
C GLN A 54 -9.60 -24.44 -1.74
N ALA A 55 -8.93 -25.59 -1.85
CA ALA A 55 -9.60 -26.82 -2.24
C ALA A 55 -10.28 -27.48 -1.04
N VAL A 56 -9.60 -27.50 0.10
CA VAL A 56 -10.21 -28.03 1.32
C VAL A 56 -11.33 -27.09 1.76
N ALA A 57 -11.31 -25.85 1.26
CA ALA A 57 -12.34 -24.86 1.59
C ALA A 57 -13.69 -25.27 1.04
N TYR A 58 -13.70 -26.03 -0.04
CA TYR A 58 -14.95 -26.59 -0.56
C TYR A 58 -15.70 -27.40 0.50
N TYR A 59 -14.97 -28.16 1.30
CA TYR A 59 -15.54 -28.88 2.44
C TYR A 59 -15.53 -27.98 3.67
N ARG A 60 -16.27 -26.86 3.60
CA ARG A 60 -16.06 -25.73 4.52
C ARG A 60 -16.14 -25.99 6.03
N PRO A 61 -17.10 -26.82 6.49
CA PRO A 61 -17.08 -26.99 7.96
C PRO A 61 -15.91 -27.85 8.47
N PHE A 62 -15.37 -28.75 7.63
CA PHE A 62 -14.13 -29.45 7.96
C PHE A 62 -12.94 -28.49 7.94
N PHE A 63 -12.87 -27.70 6.87
CA PHE A 63 -11.80 -26.73 6.72
C PHE A 63 -11.81 -25.78 7.93
N ALA A 64 -12.98 -25.19 8.21
CA ALA A 64 -13.15 -24.31 9.37
C ALA A 64 -12.68 -24.95 10.68
N GLU A 65 -13.19 -26.16 10.97
CA GLU A 65 -12.85 -26.87 12.21
C GLU A 65 -11.38 -27.32 12.25
N ALA A 66 -10.88 -27.91 11.16
CA ALA A 66 -9.47 -28.31 11.08
C ALA A 66 -8.54 -27.13 11.33
N TRP A 67 -8.86 -25.98 10.75
CA TRP A 67 -8.04 -24.77 10.91
C TRP A 67 -8.05 -24.32 12.36
N ARG A 68 -9.20 -24.44 12.98
CA ARG A 68 -9.31 -24.07 14.38
C ARG A 68 -8.43 -24.98 15.24
N ARG A 69 -8.33 -26.25 14.85
CA ARG A 69 -7.59 -27.23 15.66
C ARG A 69 -6.10 -27.11 15.44
N PHE A 70 -5.73 -26.42 14.37
CA PHE A 70 -4.36 -26.38 13.94
C PHE A 70 -3.72 -25.02 14.26
N ALA A 71 -4.52 -23.95 14.13
CA ALA A 71 -4.03 -22.58 14.33
C ALA A 71 -3.24 -22.32 15.62
N PRO A 72 -3.64 -22.96 16.75
CA PRO A 72 -2.84 -22.72 17.96
C PRO A 72 -1.38 -23.08 17.79
N SER A 73 -1.10 -24.18 17.12
CA SER A 73 0.27 -24.58 16.86
C SER A 73 0.91 -23.62 15.87
N ALA A 74 0.19 -23.31 14.79
CA ALA A 74 0.68 -22.42 13.73
C ALA A 74 1.20 -21.10 14.27
N LYS A 75 0.62 -20.64 15.38
CA LYS A 75 1.03 -19.36 15.97
C LYS A 75 2.35 -19.43 16.75
N THR A 76 2.97 -20.61 16.82
CA THR A 76 4.06 -20.82 17.79
C THR A 76 5.47 -20.60 17.25
N HIS A 77 6.39 -20.34 18.17
CA HIS A 77 7.83 -20.36 17.85
C HIS A 77 8.25 -21.67 17.20
N PHE A 78 7.70 -22.78 17.70
CA PHE A 78 7.99 -24.10 17.15
C PHE A 78 7.71 -24.23 15.67
N PHE A 79 6.50 -23.86 15.29
CA PHE A 79 6.04 -24.00 13.93
C PHE A 79 6.84 -23.08 13.00
N GLU A 80 7.19 -21.89 13.49
CA GLU A 80 8.02 -20.99 12.68
C GLU A 80 9.34 -21.68 12.33
N ARG A 81 9.94 -22.35 13.31
CA ARG A 81 11.27 -22.93 13.11
C ARG A 81 11.19 -24.21 12.28
N ALA A 82 10.10 -24.96 12.43
CA ALA A 82 9.92 -26.19 11.69
C ALA A 82 9.77 -25.90 10.19
N SER A 83 8.90 -24.94 9.86
CA SER A 83 8.76 -24.44 8.49
C SER A 83 10.09 -23.92 7.95
N ASP A 84 10.75 -23.07 8.72
CA ASP A 84 12.00 -22.47 8.27
C ASP A 84 13.09 -23.52 8.06
N ASP A 85 13.08 -24.59 8.88
CA ASP A 85 14.09 -25.64 8.75
C ASP A 85 13.79 -26.51 7.54
N ILE A 86 12.53 -26.52 7.13
CA ILE A 86 12.18 -27.24 5.91
C ILE A 86 12.70 -26.48 4.67
N ARG A 87 12.53 -25.17 4.66
CA ARG A 87 13.17 -24.31 3.65
C ARG A 87 14.68 -24.51 3.59
N ILE A 88 15.33 -24.40 4.76
CA ILE A 88 16.78 -24.63 4.84
C ILE A 88 17.21 -25.98 4.27
N ARG A 89 16.47 -27.03 4.59
CA ARG A 89 16.82 -28.36 4.11
C ARG A 89 16.71 -28.43 2.59
N SER A 90 15.67 -27.83 2.05
CA SER A 90 15.47 -27.84 0.60
C SER A 90 16.59 -27.07 -0.04
N TRP A 91 17.03 -26.02 0.62
CA TRP A 91 18.11 -25.22 0.08
C TRP A 91 19.35 -26.10 0.12
N GLU A 92 19.51 -26.78 1.25
CA GLU A 92 20.60 -27.73 1.43
C GLU A 92 20.52 -28.82 0.38
N LEU A 93 19.38 -29.50 0.30
CA LEU A 93 19.20 -30.62 -0.64
C LEU A 93 19.52 -30.27 -2.09
N MET A 94 18.80 -29.29 -2.65
CA MET A 94 18.94 -28.90 -4.06
C MET A 94 20.31 -28.35 -4.42
N GLY A 95 20.97 -27.70 -3.46
CA GLY A 95 22.28 -27.14 -3.69
C GLY A 95 23.32 -28.23 -3.92
N GLN A 96 23.10 -29.39 -3.28
CA GLN A 96 24.05 -30.50 -3.38
C GLN A 96 23.73 -31.42 -4.55
N SER A 97 22.46 -31.76 -4.71
CA SER A 97 22.06 -32.79 -5.66
C SER A 97 22.04 -32.25 -7.07
N PHE A 98 21.97 -30.93 -7.19
CA PHE A 98 21.83 -30.34 -8.51
C PHE A 98 22.82 -29.22 -8.80
N VAL A 99 23.37 -29.26 -10.02
CA VAL A 99 24.18 -28.18 -10.55
C VAL A 99 23.24 -27.16 -11.15
N ILE A 100 23.08 -26.02 -10.49
CA ILE A 100 22.15 -25.02 -11.02
C ILE A 100 22.91 -23.77 -11.46
N GLU A 101 23.12 -23.63 -12.77
CA GLU A 101 23.76 -22.43 -13.32
C GLU A 101 23.01 -21.17 -12.91
N GLY A 102 23.73 -20.10 -12.62
CA GLY A 102 23.10 -18.81 -12.42
C GLY A 102 22.45 -18.42 -13.73
N GLN A 103 21.47 -17.54 -13.70
CA GLN A 103 20.79 -17.25 -14.95
C GLN A 103 20.21 -15.82 -15.01
N THR A 104 20.58 -15.00 -14.02
CA THR A 104 20.30 -13.57 -14.03
C THR A 104 20.99 -12.86 -15.20
N ASP A 105 22.09 -13.42 -15.70
CA ASP A 105 22.76 -12.83 -16.86
C ASP A 105 21.96 -13.06 -18.14
N ARG A 106 21.32 -14.23 -18.26
CA ARG A 106 20.39 -14.53 -19.35
C ARG A 106 19.26 -13.52 -19.32
N LEU A 107 18.76 -13.24 -18.11
CA LEU A 107 17.56 -12.43 -17.96
C LEU A 107 17.92 -11.00 -18.39
N ARG A 108 19.12 -10.57 -17.98
CA ARG A 108 19.63 -9.26 -18.37
C ARG A 108 19.70 -9.14 -19.90
N GLU A 109 20.19 -10.18 -20.55
CA GLU A 109 20.33 -10.17 -22.01
C GLU A 109 18.98 -10.18 -22.69
N MET A 110 17.98 -10.78 -22.05
CA MET A 110 16.61 -10.79 -22.54
C MET A 110 16.01 -9.39 -22.41
N GLY A 111 16.58 -8.58 -21.53
CA GLY A 111 16.14 -7.20 -21.41
C GLY A 111 15.64 -6.81 -20.04
N TYR A 112 15.76 -7.74 -19.08
CA TYR A 112 15.26 -7.48 -17.74
C TYR A 112 16.22 -6.56 -17.01
N SER A 113 15.69 -5.57 -16.30
CA SER A 113 16.57 -4.65 -15.56
C SER A 113 16.86 -5.18 -14.16
N VAL A 114 17.81 -4.54 -13.49
CA VAL A 114 18.20 -4.93 -12.14
C VAL A 114 17.02 -4.87 -11.18
N ARG A 115 16.12 -3.90 -11.42
CA ARG A 115 14.95 -3.71 -10.56
C ARG A 115 13.89 -4.81 -10.77
N GLU A 116 13.66 -5.19 -12.02
CA GLU A 116 12.71 -6.25 -12.33
C GLU A 116 13.15 -7.60 -11.78
N ILE A 117 14.45 -7.89 -11.92
CA ILE A 117 14.99 -9.12 -11.38
C ILE A 117 14.85 -9.11 -9.85
N GLY A 118 14.97 -7.93 -9.25
CA GLY A 118 14.65 -7.77 -7.84
C GLY A 118 13.22 -8.16 -7.47
N GLN A 119 12.25 -7.66 -8.23
CA GLN A 119 10.82 -7.91 -7.96
C GLN A 119 10.47 -9.38 -8.12
N ILE A 120 11.13 -10.01 -9.09
CA ILE A 120 10.98 -11.42 -9.37
C ILE A 120 11.49 -12.27 -8.20
N ARG A 121 12.63 -11.87 -7.65
CA ARG A 121 13.17 -12.59 -6.50
C ARG A 121 12.22 -12.42 -5.31
N ALA A 122 11.65 -11.22 -5.19
CA ALA A 122 10.75 -10.95 -4.06
C ALA A 122 9.53 -11.86 -4.13
N VAL A 123 9.03 -12.13 -5.33
CA VAL A 123 7.95 -13.09 -5.47
C VAL A 123 8.40 -14.51 -5.05
N LEU A 124 9.55 -14.96 -5.52
CA LEU A 124 10.02 -16.29 -5.15
C LEU A 124 10.25 -16.39 -3.65
N ASP A 125 10.68 -15.28 -3.04
CA ASP A 125 10.81 -15.26 -1.58
C ASP A 125 9.51 -15.62 -0.85
N ILE A 126 8.40 -14.99 -1.23
CA ILE A 126 7.08 -15.30 -0.67
C ILE A 126 6.80 -16.81 -0.58
N PHE A 127 6.97 -17.51 -1.70
CA PHE A 127 6.60 -18.90 -1.78
C PHE A 127 7.65 -19.78 -1.11
N ASP A 128 8.90 -19.33 -1.20
CA ASP A 128 10.00 -19.97 -0.49
C ASP A 128 9.72 -19.96 1.01
N TYR A 129 9.11 -18.89 1.50
CA TYR A 129 8.79 -18.83 2.92
C TYR A 129 7.52 -19.63 3.24
N GLY A 130 6.52 -19.54 2.38
CA GLY A 130 5.18 -19.94 2.78
C GLY A 130 4.86 -21.41 2.60
N ASN A 131 5.47 -22.03 1.60
CA ASN A 131 5.13 -23.38 1.23
C ASN A 131 5.45 -24.46 2.27
N PRO A 132 6.57 -24.32 3.03
CA PRO A 132 6.68 -25.27 4.14
C PRO A 132 5.53 -25.16 5.14
N LYS A 133 4.93 -23.99 5.28
CA LYS A 133 3.84 -23.86 6.24
C LYS A 133 2.58 -24.54 5.70
N TYR A 134 2.33 -24.41 4.40
CA TYR A 134 1.22 -25.15 3.82
C TYR A 134 1.47 -26.66 3.79
N LEU A 135 2.72 -27.05 3.57
CA LEU A 135 3.09 -28.47 3.56
C LEU A 135 2.80 -29.16 4.89
N ILE A 136 3.16 -28.51 5.99
CA ILE A 136 2.93 -29.10 7.30
C ILE A 136 1.42 -29.18 7.60
N PHE A 137 0.68 -28.11 7.28
CA PHE A 137 -0.78 -28.10 7.44
C PHE A 137 -1.42 -29.21 6.62
N ALA A 138 -1.13 -29.25 5.32
CA ALA A 138 -1.70 -30.33 4.52
C ALA A 138 -1.32 -31.72 5.02
N THR A 139 -0.23 -31.83 5.78
CA THR A 139 0.20 -33.13 6.26
C THR A 139 -0.63 -33.48 7.48
N ALA A 140 -0.83 -32.51 8.36
CA ALA A 140 -1.66 -32.72 9.53
C ALA A 140 -3.08 -33.15 9.14
N ILE A 141 -3.64 -32.44 8.17
CA ILE A 141 -4.98 -32.76 7.67
C ILE A 141 -5.05 -34.16 7.11
N LYS A 142 -4.10 -34.50 6.23
CA LYS A 142 -4.11 -35.81 5.59
C LYS A 142 -3.97 -36.95 6.60
N GLU A 143 -2.97 -36.85 7.47
CA GLU A 143 -2.68 -37.97 8.36
C GLU A 143 -3.70 -38.08 9.48
N GLY A 144 -4.31 -36.96 9.86
CA GLY A 144 -5.37 -37.01 10.84
C GLY A 144 -6.55 -37.81 10.31
N LEU A 145 -6.95 -37.54 9.08
CA LEU A 145 -7.98 -38.31 8.40
C LEU A 145 -7.63 -39.80 8.29
N LEU A 146 -6.44 -40.11 7.75
CA LEU A 146 -6.06 -41.50 7.52
C LEU A 146 -5.89 -42.34 8.79
N SER A 147 -5.30 -41.77 9.82
CA SER A 147 -4.92 -42.59 10.97
C SER A 147 -5.83 -42.39 12.19
N GLY A 148 -6.64 -41.35 12.19
CA GLY A 148 -7.52 -41.10 13.33
C GLY A 148 -6.76 -40.64 14.57
N ARG A 149 -5.45 -40.45 14.40
CA ARG A 149 -4.53 -40.25 15.51
C ARG A 149 -4.53 -38.84 16.11
N THR A 150 -4.02 -38.74 17.34
CA THR A 150 -3.80 -37.45 18.00
C THR A 150 -2.29 -37.10 17.97
N PHE A 151 -1.90 -36.05 17.25
CA PHE A 151 -0.48 -35.76 17.03
C PHE A 151 0.07 -34.63 17.90
N GLY A 152 1.30 -34.77 18.37
CA GLY A 152 1.90 -33.71 19.17
C GLY A 152 1.22 -33.47 20.49
N GLY A 153 1.42 -32.29 21.07
CA GLY A 153 0.75 -31.95 22.31
C GLY A 153 1.69 -31.99 23.49
N ALA A 154 2.92 -32.42 23.25
CA ALA A 154 3.93 -32.46 24.31
C ALA A 154 4.25 -31.07 24.78
N ALA A 155 4.62 -30.95 26.06
CA ALA A 155 5.02 -29.64 26.56
C ALA A 155 6.48 -29.32 26.19
N GLY A 156 7.40 -30.22 26.56
CA GLY A 156 8.79 -30.08 26.21
C GLY A 156 9.45 -28.79 26.64
N ASP A 157 10.28 -28.26 25.74
CA ASP A 157 10.88 -26.96 25.88
C ASP A 157 9.77 -25.91 25.86
N ALA A 158 9.64 -25.18 26.96
CA ALA A 158 8.62 -24.14 27.09
C ALA A 158 8.73 -23.04 25.99
N ARG A 159 9.93 -22.87 25.43
CA ARG A 159 10.13 -21.87 24.39
C ARG A 159 9.48 -22.29 23.08
N CYS A 160 9.10 -23.56 22.98
CA CYS A 160 8.47 -24.02 21.76
C CYS A 160 7.07 -23.51 21.63
N HIS A 161 6.52 -22.98 22.72
CA HIS A 161 5.13 -22.57 22.78
C HIS A 161 5.02 -21.07 22.71
N PHE A 162 6.19 -20.43 22.59
CA PHE A 162 6.27 -18.97 22.49
C PHE A 162 5.67 -18.49 21.18
N PRO A 163 5.19 -17.23 21.16
CA PRO A 163 4.74 -16.60 19.92
C PRO A 163 5.80 -16.70 18.85
N ARG A 164 5.40 -16.95 17.59
CA ARG A 164 6.38 -17.04 16.51
C ARG A 164 7.04 -15.69 16.24
N SER A 165 8.19 -15.71 15.56
CA SER A 165 8.83 -14.47 15.11
C SER A 165 7.79 -13.61 14.40
N PRO A 166 7.62 -12.36 14.88
CA PRO A 166 6.51 -11.54 14.41
C PRO A 166 6.93 -10.54 13.37
N ILE A 167 6.64 -10.85 12.11
CA ILE A 167 6.59 -9.88 11.02
C ILE A 167 6.13 -10.68 9.84
N CYS A 168 5.40 -10.01 8.97
CA CYS A 168 4.65 -10.66 7.93
C CYS A 168 4.29 -9.60 6.90
N GLN A 169 4.23 -9.97 5.63
CA GLN A 169 3.53 -9.13 4.65
C GLN A 169 2.21 -9.85 4.41
N ILE A 170 1.12 -9.10 4.46
CA ILE A 170 -0.20 -9.70 4.52
C ILE A 170 -0.90 -9.35 3.21
N ASP A 171 -0.36 -8.31 2.59
CA ASP A 171 -0.93 -7.64 1.43
C ASP A 171 0.21 -7.16 0.53
N PRO A 172 -0.07 -7.00 -0.78
CA PRO A 172 -1.33 -7.39 -1.43
C PRO A 172 -1.27 -8.86 -1.82
N ILE A 173 -2.38 -9.43 -2.28
CA ILE A 173 -2.27 -10.73 -2.91
C ILE A 173 -1.36 -10.56 -4.12
N PRO A 174 -0.36 -11.45 -4.28
CA PRO A 174 0.47 -11.39 -5.47
C PRO A 174 -0.35 -11.38 -6.78
N VAL A 175 0.25 -10.91 -7.87
CA VAL A 175 -0.42 -10.88 -9.16
C VAL A 175 -0.27 -12.25 -9.75
N MET A 176 -1.38 -12.92 -9.97
CA MET A 176 -1.36 -14.26 -10.52
C MET A 176 -2.14 -14.26 -11.84
N VAL A 177 -1.52 -14.80 -12.88
CA VAL A 177 -2.25 -14.98 -14.13
C VAL A 177 -3.05 -16.27 -14.05
N GLU A 178 -4.32 -16.16 -13.68
CA GLU A 178 -5.16 -17.33 -13.50
C GLU A 178 -5.36 -18.03 -14.85
N GLU A 179 -5.92 -19.24 -14.81
CA GLU A 179 -5.95 -20.08 -16.01
C GLU A 179 -6.87 -19.52 -17.06
N HIS A 180 -7.88 -18.78 -16.63
CA HIS A 180 -8.80 -18.17 -17.57
C HIS A 180 -8.27 -16.78 -18.01
N HIS A 181 -7.27 -16.28 -17.26
CA HIS A 181 -6.50 -15.09 -17.65
C HIS A 181 -5.59 -15.42 -18.82
N ALA A 182 -5.01 -16.61 -18.74
CA ALA A 182 -3.95 -17.04 -19.64
C ALA A 182 -4.33 -17.00 -21.12
N GLY A 183 -3.37 -16.64 -21.95
CA GLY A 183 -3.56 -16.64 -23.40
C GLY A 183 -3.14 -17.96 -24.04
N GLY A 184 -2.38 -17.87 -25.13
CA GLY A 184 -2.10 -19.03 -25.96
C GLY A 184 -0.96 -19.93 -25.54
N THR A 185 0.27 -19.47 -25.80
CA THR A 185 1.47 -20.25 -25.48
C THR A 185 1.56 -20.52 -23.98
N LEU A 186 0.88 -19.67 -23.21
CA LEU A 186 0.90 -19.76 -21.75
C LEU A 186 -0.02 -20.91 -21.31
N SER A 187 -1.16 -21.06 -21.97
CA SER A 187 -2.05 -22.19 -21.69
C SER A 187 -1.40 -23.53 -22.02
N GLN A 188 -0.40 -23.51 -22.89
CA GLN A 188 0.35 -24.71 -23.24
C GLN A 188 1.57 -24.87 -22.35
N VAL A 189 2.13 -23.76 -21.90
CA VAL A 189 3.13 -23.83 -20.84
C VAL A 189 2.50 -24.35 -19.54
N TYR A 190 1.29 -23.88 -19.24
CA TYR A 190 0.53 -24.37 -18.10
C TYR A 190 0.22 -25.86 -18.27
N ALA A 191 -0.09 -26.24 -19.52
CA ALA A 191 -0.38 -27.64 -19.82
C ALA A 191 0.87 -28.51 -19.63
N ASP A 192 2.00 -27.98 -20.11
CA ASP A 192 3.29 -28.64 -19.97
C ASP A 192 3.54 -29.01 -18.52
N ILE A 193 3.32 -28.06 -17.63
CA ILE A 193 3.55 -28.23 -16.20
C ILE A 193 2.57 -29.23 -15.58
N LYS A 194 1.26 -28.99 -15.76
CA LYS A 194 0.23 -29.90 -15.28
C LYS A 194 0.61 -31.35 -15.53
N GLN A 195 1.05 -31.60 -16.75
CA GLN A 195 1.40 -32.96 -17.17
C GLN A 195 2.70 -33.46 -16.53
N THR A 196 3.77 -32.70 -16.71
CA THR A 196 5.08 -33.01 -16.13
C THR A 196 4.99 -33.29 -14.65
N LEU A 197 4.19 -32.48 -13.96
CA LEU A 197 4.02 -32.55 -12.52
C LEU A 197 2.87 -33.45 -12.12
N GLN A 198 2.09 -33.94 -13.10
CA GLN A 198 0.95 -34.83 -12.85
C GLN A 198 -0.10 -34.17 -11.96
N LEU A 199 -0.40 -32.90 -12.25
CA LEU A 199 -1.40 -32.18 -11.47
C LEU A 199 -2.51 -31.64 -12.37
N PRO A 200 -3.75 -31.62 -11.85
CA PRO A 200 -4.91 -31.06 -12.55
C PRO A 200 -5.04 -29.55 -12.38
N PHE A 201 -4.11 -28.96 -11.62
CA PHE A 201 -4.16 -27.54 -11.26
C PHE A 201 -2.81 -26.87 -11.54
N ILE A 202 -2.81 -25.56 -11.78
CA ILE A 202 -1.56 -24.78 -11.80
C ILE A 202 -1.35 -24.10 -10.45
N ASN A 203 -0.22 -24.38 -9.79
CA ASN A 203 0.13 -23.79 -8.49
C ASN A 203 0.16 -22.27 -8.49
N SER A 204 0.05 -21.66 -7.30
CA SER A 204 0.04 -20.22 -7.21
C SER A 204 1.41 -19.64 -7.57
N ASP A 205 2.47 -20.39 -7.26
CA ASP A 205 3.80 -19.85 -7.47
C ASP A 205 4.09 -19.74 -8.95
N TYR A 206 3.57 -20.68 -9.76
CA TYR A 206 3.76 -20.55 -11.22
C TYR A 206 2.92 -19.39 -11.75
N LYS A 207 1.67 -19.31 -11.32
CA LYS A 207 0.79 -18.23 -11.76
C LYS A 207 1.43 -16.88 -11.45
N ALA A 208 2.13 -16.78 -10.33
CA ALA A 208 2.76 -15.50 -10.00
C ALA A 208 3.97 -15.27 -10.91
N MET A 209 4.69 -16.35 -11.23
CA MET A 209 5.80 -16.30 -12.19
C MET A 209 5.30 -15.94 -13.57
N ALA A 210 4.02 -16.19 -13.81
CA ALA A 210 3.41 -16.03 -15.12
C ALA A 210 3.19 -14.56 -15.50
N ARG A 211 3.33 -13.67 -14.51
CA ARG A 211 3.19 -12.25 -14.72
C ARG A 211 4.38 -11.87 -15.61
N TRP A 212 5.47 -12.62 -15.49
CA TRP A 212 6.63 -12.49 -16.36
C TRP A 212 6.76 -13.71 -17.26
N PRO A 213 5.94 -13.77 -18.32
CA PRO A 213 5.91 -14.99 -19.15
C PRO A 213 7.26 -15.47 -19.58
N SER A 214 8.05 -14.62 -20.25
CA SER A 214 9.38 -15.02 -20.70
C SER A 214 10.23 -15.56 -19.56
N TYR A 215 10.06 -15.02 -18.35
CA TYR A 215 10.80 -15.51 -17.20
C TYR A 215 10.30 -16.90 -16.74
N LEU A 216 9.03 -17.18 -16.96
CA LEU A 216 8.47 -18.46 -16.54
C LEU A 216 8.94 -19.57 -17.47
N GLU A 217 8.90 -19.33 -18.77
CA GLU A 217 9.11 -20.37 -19.78
C GLU A 217 10.47 -21.03 -19.63
N GLN A 218 11.45 -20.28 -19.16
CA GLN A 218 12.78 -20.84 -19.11
C GLN A 218 13.36 -20.99 -17.70
N ALA A 219 12.67 -20.48 -16.69
CA ALA A 219 12.93 -20.93 -15.33
C ALA A 219 12.38 -22.35 -15.20
N TRP A 220 11.17 -22.52 -15.71
CA TRP A 220 10.51 -23.80 -15.80
C TRP A 220 11.27 -24.75 -16.72
N GLY A 221 11.77 -24.20 -17.83
CA GLY A 221 12.51 -24.96 -18.82
C GLY A 221 13.80 -25.51 -18.25
N ALA A 222 14.34 -24.79 -17.28
CA ALA A 222 15.55 -25.21 -16.60
C ALA A 222 15.25 -26.24 -15.50
N LEU A 223 14.05 -26.16 -14.92
CA LEU A 223 13.69 -27.05 -13.81
C LEU A 223 13.17 -28.39 -14.30
N LYS A 224 12.41 -28.36 -15.39
CA LYS A 224 11.75 -29.58 -15.89
C LYS A 224 12.66 -30.82 -15.93
N PRO A 225 13.88 -30.71 -16.50
CA PRO A 225 14.71 -31.92 -16.59
C PRO A 225 15.08 -32.55 -15.24
N CYS A 226 14.89 -31.81 -14.15
CA CYS A 226 15.23 -32.26 -12.81
C CYS A 226 14.14 -33.14 -12.19
N ILE A 227 12.88 -32.85 -12.54
CA ILE A 227 11.72 -33.56 -11.98
C ILE A 227 11.84 -35.05 -12.15
N ASP A 228 11.66 -35.80 -11.06
CA ASP A 228 11.74 -37.25 -11.13
C ASP A 228 13.09 -37.67 -11.77
N THR A 229 14.15 -37.18 -11.14
CA THR A 229 15.44 -37.84 -11.25
C THR A 229 15.49 -38.54 -9.92
N PRO A 230 16.43 -39.49 -9.74
CA PRO A 230 16.48 -40.10 -8.41
C PRO A 230 16.77 -39.09 -7.32
N ALA A 231 17.65 -38.12 -7.59
CA ALA A 231 18.02 -37.18 -6.54
C ALA A 231 16.86 -36.26 -6.21
N TYR A 232 16.00 -36.04 -7.20
CA TYR A 232 14.80 -35.24 -6.99
C TYR A 232 13.88 -36.06 -6.11
N GLN A 233 13.50 -37.22 -6.63
CA GLN A 233 12.53 -38.07 -5.95
C GLN A 233 12.97 -38.37 -4.52
N ALA A 234 14.29 -38.44 -4.30
CA ALA A 234 14.79 -38.70 -2.95
C ALA A 234 14.72 -37.46 -2.08
N GLY A 235 15.05 -36.31 -2.65
CA GLY A 235 15.03 -35.07 -1.89
C GLY A 235 13.61 -34.83 -1.43
N ARG A 236 12.67 -35.17 -2.29
CA ARG A 236 11.25 -35.08 -1.99
C ARG A 236 10.80 -35.98 -0.83
N PHE A 237 11.40 -37.17 -0.72
CA PHE A 237 11.07 -38.07 0.40
C PHE A 237 11.51 -37.41 1.69
N ASP A 238 12.69 -36.80 1.64
CA ASP A 238 13.30 -36.14 2.77
C ASP A 238 12.38 -35.02 3.27
N ILE A 239 12.01 -34.10 2.37
CA ILE A 239 11.08 -33.02 2.67
C ILE A 239 9.75 -33.57 3.25
N ASN A 240 9.19 -34.59 2.61
CA ASN A 240 7.97 -35.25 3.12
C ASN A 240 8.16 -35.84 4.51
N ALA A 241 9.32 -36.44 4.75
CA ALA A 241 9.61 -37.03 6.06
C ALA A 241 9.68 -35.97 7.17
N ARG A 242 10.19 -34.80 6.82
CA ARG A 242 10.39 -33.73 7.79
C ARG A 242 9.08 -33.07 8.17
N ALA A 243 8.12 -33.06 7.27
CA ALA A 243 6.80 -32.53 7.57
C ALA A 243 6.06 -33.52 8.48
N LEU A 244 6.28 -34.80 8.21
CA LEU A 244 5.78 -35.85 9.12
C LEU A 244 6.38 -35.69 10.50
N ALA A 245 7.62 -35.21 10.60
CA ALA A 245 8.26 -35.07 11.91
C ALA A 245 7.73 -33.83 12.63
N ALA A 246 7.50 -32.75 11.88
CA ALA A 246 6.88 -31.55 12.45
C ALA A 246 5.44 -31.88 12.89
N LEU A 247 4.75 -32.74 12.15
CA LEU A 247 3.43 -33.17 12.58
C LEU A 247 3.47 -33.84 13.96
N ASP A 248 4.50 -34.65 14.21
CA ASP A 248 4.57 -35.39 15.47
C ASP A 248 4.91 -34.45 16.62
N ALA A 249 5.52 -33.30 16.29
CA ALA A 249 6.11 -32.43 17.29
C ALA A 249 5.28 -31.17 17.60
N LEU A 250 4.09 -31.08 17.04
CA LEU A 250 3.21 -29.93 17.28
C LEU A 250 3.01 -29.71 18.78
N PRO A 251 3.04 -28.44 19.22
CA PRO A 251 3.04 -28.10 20.65
C PRO A 251 1.64 -28.14 21.24
N THR A 252 0.65 -28.07 20.37
CA THR A 252 -0.75 -28.18 20.77
C THR A 252 -1.29 -29.36 19.99
N ALA A 253 -1.81 -30.36 20.70
CA ALA A 253 -2.20 -31.62 20.06
C ALA A 253 -3.24 -31.38 18.94
N TYR A 254 -3.09 -32.07 17.82
CA TYR A 254 -4.04 -31.95 16.72
C TYR A 254 -4.72 -33.28 16.49
N ARG A 255 -6.05 -33.31 16.64
CA ARG A 255 -6.79 -34.46 16.18
C ARG A 255 -7.92 -33.98 15.29
N MET A 256 -8.04 -34.56 14.10
CA MET A 256 -9.18 -34.31 13.22
C MET A 256 -9.39 -35.58 12.42
N SER A 257 -10.09 -36.52 13.03
CA SER A 257 -10.29 -37.83 12.44
C SER A 257 -11.43 -37.88 11.44
N ARG A 258 -11.66 -39.08 10.94
CA ARG A 258 -12.76 -39.34 10.03
C ARG A 258 -14.09 -39.09 10.73
N ASP A 259 -14.16 -39.44 12.01
CA ASP A 259 -15.40 -39.27 12.74
C ASP A 259 -15.61 -37.80 13.12
N ASP A 260 -14.53 -37.03 13.19
CA ASP A 260 -14.63 -35.57 13.41
C ASP A 260 -15.13 -34.89 12.14
N ALA A 261 -14.75 -35.47 11.00
CA ALA A 261 -15.26 -35.03 9.70
C ALA A 261 -16.78 -35.10 9.69
N LEU A 262 -17.30 -36.27 10.09
CA LEU A 262 -18.74 -36.51 10.18
C LEU A 262 -19.37 -35.51 11.14
N GLN A 263 -18.78 -35.38 12.32
CA GLN A 263 -19.23 -34.39 13.30
C GLN A 263 -19.21 -32.97 12.73
N ALA A 264 -18.24 -32.69 11.85
CA ALA A 264 -18.10 -31.34 11.29
C ALA A 264 -19.26 -31.03 10.36
N GLY A 265 -19.84 -32.07 9.77
CA GLY A 265 -21.02 -31.90 8.94
C GLY A 265 -20.92 -32.61 7.60
N LEU A 266 -19.80 -33.32 7.40
CA LEU A 266 -19.54 -34.04 6.15
C LEU A 266 -20.17 -35.43 6.12
N SER A 267 -20.49 -35.91 4.91
CA SER A 267 -20.95 -37.29 4.77
C SER A 267 -19.76 -38.25 4.77
N GLU A 268 -20.03 -39.56 4.83
CA GLU A 268 -18.95 -40.53 4.62
C GLU A 268 -18.37 -40.37 3.22
N ALA A 269 -19.25 -40.15 2.25
CA ALA A 269 -18.88 -39.97 0.85
C ALA A 269 -17.98 -38.77 0.65
N GLN A 270 -18.38 -37.62 1.19
CA GLN A 270 -17.62 -36.37 1.07
C GLN A 270 -16.27 -36.52 1.76
N THR A 271 -16.26 -37.21 2.89
CA THR A 271 -15.01 -37.40 3.61
C THR A 271 -14.08 -38.28 2.77
N ASP A 272 -14.64 -39.31 2.14
CA ASP A 272 -13.86 -40.16 1.22
C ASP A 272 -13.19 -39.32 0.13
N GLU A 273 -13.95 -38.37 -0.43
CA GLU A 273 -13.44 -37.51 -1.50
C GLU A 273 -12.36 -36.53 -1.03
N LEU A 274 -12.61 -35.92 0.13
CA LEU A 274 -11.66 -35.05 0.80
C LEU A 274 -10.32 -35.73 1.02
N ILE A 275 -10.34 -37.02 1.38
CA ILE A 275 -9.12 -37.76 1.64
C ILE A 275 -8.28 -37.87 0.37
N GLN A 276 -8.95 -38.06 -0.75
CA GLN A 276 -8.26 -38.10 -2.04
C GLN A 276 -7.66 -36.73 -2.38
N VAL A 277 -8.46 -35.69 -2.20
CA VAL A 277 -8.03 -34.32 -2.48
C VAL A 277 -6.80 -33.93 -1.66
N ILE A 278 -6.86 -34.07 -0.34
CA ILE A 278 -5.72 -33.72 0.51
C ILE A 278 -4.47 -34.57 0.20
N SER A 279 -4.67 -35.82 -0.22
CA SER A 279 -3.51 -36.68 -0.49
C SER A 279 -2.77 -36.19 -1.72
N LEU A 280 -3.53 -35.72 -2.71
CA LEU A 280 -2.96 -35.21 -3.94
C LEU A 280 -2.19 -33.92 -3.68
N PHE A 281 -2.83 -33.00 -2.97
CA PHE A 281 -2.22 -31.74 -2.63
C PHE A 281 -1.03 -31.90 -1.70
N GLN A 282 -1.16 -32.79 -0.72
CA GLN A 282 -0.06 -33.12 0.21
C GLN A 282 1.13 -33.64 -0.57
N TRP A 283 0.87 -34.51 -1.53
CA TRP A 283 1.95 -35.02 -2.38
C TRP A 283 2.60 -33.87 -3.16
N MET A 284 1.77 -32.99 -3.73
CA MET A 284 2.26 -31.83 -4.47
C MET A 284 3.22 -30.95 -3.66
N LEU A 285 2.91 -30.72 -2.39
CA LEU A 285 3.62 -29.69 -1.61
C LEU A 285 5.12 -29.99 -1.38
N SER A 286 5.54 -31.25 -1.29
CA SER A 286 6.97 -31.52 -1.15
C SER A 286 7.69 -31.26 -2.48
N GLY A 287 6.97 -31.47 -3.59
CA GLY A 287 7.55 -31.23 -4.90
C GLY A 287 7.74 -29.74 -5.13
N ILE A 288 6.73 -28.96 -4.80
CA ILE A 288 6.79 -27.52 -5.01
C ILE A 288 7.85 -26.85 -4.14
N VAL A 289 8.23 -27.47 -3.02
CA VAL A 289 9.21 -26.85 -2.15
C VAL A 289 10.61 -26.96 -2.77
N LEU A 290 10.89 -28.09 -3.42
CA LEU A 290 12.13 -28.22 -4.19
C LEU A 290 12.10 -27.26 -5.40
N ASN A 291 10.98 -27.27 -6.11
CA ASN A 291 10.78 -26.44 -7.28
C ASN A 291 11.08 -24.95 -7.04
N VAL A 292 10.45 -24.39 -6.02
CA VAL A 292 10.69 -22.99 -5.67
C VAL A 292 12.13 -22.73 -5.28
N THR A 293 12.70 -23.67 -4.53
CA THR A 293 14.13 -23.65 -4.18
C THR A 293 14.99 -23.59 -5.43
N HIS A 294 14.65 -24.42 -6.42
CA HIS A 294 15.41 -24.44 -7.66
C HIS A 294 15.37 -23.08 -8.36
N PHE A 295 14.15 -22.56 -8.55
CA PHE A 295 13.94 -21.25 -9.17
C PHE A 295 14.79 -20.21 -8.49
N LYS A 296 14.78 -20.22 -7.16
CA LYS A 296 15.43 -19.20 -6.36
C LYS A 296 16.96 -19.38 -6.37
N GLN A 297 17.43 -20.60 -6.48
CA GLN A 297 18.87 -20.77 -6.66
C GLN A 297 19.29 -20.30 -8.06
N GLN A 298 18.49 -20.56 -9.08
CA GLN A 298 18.74 -20.02 -10.42
C GLN A 298 18.93 -18.51 -10.42
N ALA A 299 18.19 -17.83 -9.54
CA ALA A 299 18.03 -16.38 -9.62
C ALA A 299 19.04 -15.61 -8.79
N LEU A 300 20.03 -16.30 -8.23
CA LEU A 300 21.09 -15.64 -7.48
C LEU A 300 21.95 -14.75 -8.36
N HIS B 9 -15.21 14.28 -43.84
CA HIS B 9 -13.89 13.74 -44.16
C HIS B 9 -12.81 14.39 -43.29
N LEU B 10 -13.11 14.54 -42.00
CA LEU B 10 -12.19 15.17 -41.06
C LEU B 10 -11.15 14.14 -40.63
N GLN B 11 -9.86 14.41 -40.87
CA GLN B 11 -8.84 13.37 -40.79
C GLN B 11 -7.44 13.85 -40.40
N LEU B 12 -6.74 13.06 -39.60
CA LEU B 12 -5.46 13.44 -39.01
C LEU B 12 -4.30 12.59 -39.56
N PRO B 13 -3.33 13.23 -40.23
CA PRO B 13 -2.19 12.60 -40.90
C PRO B 13 -1.15 11.96 -39.97
N ARG B 14 -0.79 10.69 -40.15
CA ARG B 14 0.35 10.17 -39.39
C ARG B 14 1.60 10.73 -40.05
N PRO B 15 2.37 11.51 -39.27
CA PRO B 15 3.59 12.17 -39.74
C PRO B 15 4.64 11.21 -40.27
N VAL B 16 5.61 11.76 -41.00
CA VAL B 16 6.84 11.06 -41.29
C VAL B 16 7.52 10.80 -39.95
N CYS B 17 8.14 9.63 -39.77
CA CYS B 17 8.94 9.44 -38.57
C CYS B 17 10.21 8.64 -38.86
N GLU B 18 11.26 9.40 -39.19
CA GLU B 18 12.62 8.90 -39.35
C GLU B 18 13.13 8.24 -38.07
N ALA B 19 12.62 8.73 -36.94
CA ALA B 19 13.39 8.75 -35.70
C ALA B 19 13.32 7.49 -34.84
N ILE B 20 14.49 7.15 -34.29
CA ILE B 20 14.62 6.11 -33.30
C ILE B 20 14.09 6.65 -31.96
N ILE B 21 13.12 5.94 -31.40
CA ILE B 21 12.59 6.34 -30.11
C ILE B 21 13.34 5.58 -29.04
N ARG B 22 13.73 6.26 -27.97
CA ARG B 22 14.53 5.65 -26.93
C ARG B 22 13.93 5.93 -25.55
N PRO B 23 12.82 5.24 -25.21
CA PRO B 23 12.19 5.42 -23.89
C PRO B 23 13.07 4.98 -22.74
N VAL B 24 13.06 5.75 -21.65
CA VAL B 24 13.64 5.30 -20.39
C VAL B 24 12.49 4.88 -19.47
N PRO B 25 12.23 3.57 -19.34
CA PRO B 25 11.08 3.20 -18.49
C PRO B 25 11.38 3.45 -17.01
N GLU B 26 10.37 3.34 -16.16
CA GLU B 26 10.53 3.71 -14.75
C GLU B 26 11.41 2.72 -14.00
N HIS B 27 11.48 1.49 -14.49
CA HIS B 27 12.27 0.50 -13.78
C HIS B 27 13.74 0.58 -14.16
N ARG B 28 14.06 1.39 -15.16
CA ARG B 28 15.45 1.66 -15.50
C ARG B 28 15.91 3.07 -15.10
N ALA B 29 14.97 3.96 -14.81
CA ALA B 29 15.30 5.38 -14.60
C ALA B 29 16.32 5.57 -13.48
N ASP B 30 17.29 6.47 -13.67
CA ASP B 30 18.26 6.71 -12.59
C ASP B 30 17.63 7.67 -11.59
N GLN B 31 18.37 8.07 -10.56
CA GLN B 31 17.76 8.78 -9.45
C GLN B 31 17.35 10.19 -9.84
N GLU B 32 18.13 10.83 -10.72
CA GLU B 32 17.82 12.17 -11.19
C GLU B 32 16.54 12.17 -12.01
N LEU B 33 16.50 11.30 -13.02
CA LEU B 33 15.33 11.14 -13.85
C LEU B 33 14.08 10.77 -13.03
N SER B 34 14.23 9.83 -12.10
CA SER B 34 13.11 9.37 -11.28
C SER B 34 12.51 10.49 -10.43
N GLU B 35 13.31 11.51 -10.10
CA GLU B 35 12.78 12.67 -9.40
C GLU B 35 11.82 13.47 -10.28
N ILE B 36 12.19 13.66 -11.54
CA ILE B 36 11.33 14.40 -12.46
C ILE B 36 10.11 13.53 -12.72
N TYR B 37 10.35 12.23 -12.94
CA TYR B 37 9.27 11.27 -13.12
C TYR B 37 8.27 11.32 -11.97
N ARG B 38 8.76 11.55 -10.76
CA ARG B 38 7.87 11.58 -9.61
C ARG B 38 7.08 12.89 -9.57
N ASP B 39 7.77 13.99 -9.83
CA ASP B 39 7.11 15.30 -9.90
C ASP B 39 6.02 15.28 -10.96
N LEU B 40 6.33 14.70 -12.11
CA LEU B 40 5.40 14.53 -13.22
C LEU B 40 4.15 13.79 -12.74
N LYS B 41 4.35 12.63 -12.13
CA LYS B 41 3.23 11.81 -11.66
C LYS B 41 2.45 12.50 -10.58
N ALA B 42 3.14 13.07 -9.60
CA ALA B 42 2.43 13.75 -8.52
C ALA B 42 1.56 14.88 -9.06
N THR B 43 2.15 15.74 -9.90
CA THR B 43 1.46 16.91 -10.46
C THR B 43 0.22 16.55 -11.27
N PHE B 44 0.39 15.60 -12.20
CA PHE B 44 -0.76 15.12 -12.95
C PHE B 44 -1.73 14.40 -12.03
N GLY B 45 -1.20 13.60 -11.11
CA GLY B 45 -2.07 12.77 -10.29
C GLY B 45 -2.32 11.41 -10.91
N VAL B 46 -1.33 10.93 -11.65
CA VAL B 46 -1.34 9.62 -12.32
C VAL B 46 -0.25 8.71 -11.73
N PRO B 47 -0.47 7.38 -11.75
CA PRO B 47 0.51 6.42 -11.21
C PRO B 47 1.51 5.86 -12.22
N TRP B 48 1.48 6.35 -13.45
CA TRP B 48 2.38 5.91 -14.53
C TRP B 48 2.99 7.08 -15.29
N VAL B 49 4.28 6.96 -15.58
CA VAL B 49 4.95 7.83 -16.53
C VAL B 49 4.69 7.30 -17.94
N GLY B 50 4.07 8.14 -18.77
CA GLY B 50 3.68 7.72 -20.11
C GLY B 50 4.89 7.52 -20.97
N VAL B 51 4.76 6.65 -21.98
CA VAL B 51 5.84 6.42 -22.94
C VAL B 51 6.29 7.74 -23.60
N ILE B 52 5.34 8.62 -23.90
CA ILE B 52 5.71 9.88 -24.55
C ILE B 52 6.78 10.62 -23.76
N THR B 53 6.58 10.68 -22.44
CA THR B 53 7.52 11.39 -21.58
C THR B 53 8.75 10.51 -21.29
N GLN B 54 8.60 9.18 -21.32
CA GLN B 54 9.76 8.29 -21.28
C GLN B 54 10.68 8.58 -22.47
N ALA B 55 10.09 9.01 -23.58
CA ALA B 55 10.79 9.20 -24.85
C ALA B 55 11.39 10.60 -24.98
N VAL B 56 10.67 11.61 -24.51
CA VAL B 56 11.22 12.97 -24.44
C VAL B 56 12.28 13.00 -23.33
N ALA B 57 12.23 12.01 -22.43
CA ALA B 57 13.23 11.86 -21.37
C ALA B 57 14.62 11.68 -21.91
N TYR B 58 14.73 11.01 -23.06
CA TYR B 58 16.03 10.81 -23.71
C TYR B 58 16.74 12.15 -23.95
N TYR B 59 15.98 13.14 -24.41
CA TYR B 59 16.48 14.51 -24.55
C TYR B 59 16.29 15.25 -23.23
N ARG B 60 16.96 14.79 -22.17
CA ARG B 60 16.64 15.14 -20.79
C ARG B 60 16.72 16.62 -20.37
N PRO B 61 17.74 17.38 -20.84
CA PRO B 61 17.65 18.81 -20.52
C PRO B 61 16.46 19.53 -21.18
N PHE B 62 16.05 19.11 -22.36
CA PHE B 62 14.81 19.63 -22.95
C PHE B 62 13.60 19.27 -22.09
N PHE B 63 13.47 17.97 -21.79
CA PHE B 63 12.36 17.44 -20.99
C PHE B 63 12.27 18.19 -19.66
N ALA B 64 13.39 18.28 -18.96
CA ALA B 64 13.46 18.98 -17.68
C ALA B 64 12.95 20.42 -17.73
N GLU B 65 13.41 21.18 -18.73
CA GLU B 65 13.02 22.59 -18.89
C GLU B 65 11.59 22.74 -19.42
N ALA B 66 11.23 21.92 -20.40
CA ALA B 66 9.85 21.86 -20.90
C ALA B 66 8.85 21.57 -19.80
N TRP B 67 9.16 20.60 -18.94
CA TRP B 67 8.27 20.26 -17.85
C TRP B 67 8.22 21.40 -16.86
N ARG B 68 9.35 22.07 -16.68
CA ARG B 68 9.41 23.18 -15.73
C ARG B 68 8.59 24.35 -16.25
N ARG B 69 8.52 24.47 -17.56
CA ARG B 69 7.79 25.58 -18.16
C ARG B 69 6.31 25.27 -18.18
N PHE B 70 6.01 23.98 -18.12
CA PHE B 70 4.65 23.53 -18.29
C PHE B 70 3.98 23.26 -16.96
N ALA B 71 4.77 22.79 -15.99
CA ALA B 71 4.25 22.38 -14.67
C ALA B 71 3.29 23.38 -13.99
N PRO B 72 3.60 24.70 -14.07
CA PRO B 72 2.66 25.66 -13.44
C PRO B 72 1.24 25.57 -13.97
N SER B 73 1.08 25.35 -15.27
CA SER B 73 -0.23 25.27 -15.87
C SER B 73 -0.90 23.99 -15.42
N ALA B 74 -0.14 22.89 -15.45
CA ALA B 74 -0.63 21.55 -15.06
C ALA B 74 -1.25 21.48 -13.68
N LYS B 75 -0.87 22.42 -12.81
CA LYS B 75 -1.30 22.42 -11.41
C LYS B 75 -2.64 23.11 -11.20
N THR B 76 -3.17 23.69 -12.26
CA THR B 76 -4.33 24.55 -12.13
C THR B 76 -5.67 23.87 -12.31
N HIS B 77 -6.67 24.46 -11.68
CA HIS B 77 -8.07 24.18 -11.97
C HIS B 77 -8.36 24.11 -13.47
N PHE B 78 -7.81 25.05 -14.23
CA PHE B 78 -8.03 25.07 -15.68
C PHE B 78 -7.63 23.77 -16.36
N PHE B 79 -6.46 23.27 -16.01
CA PHE B 79 -5.89 22.13 -16.69
C PHE B 79 -6.60 20.84 -16.29
N GLU B 80 -7.10 20.81 -15.07
CA GLU B 80 -7.90 19.65 -14.64
C GLU B 80 -9.17 19.61 -15.49
N ARG B 81 -9.80 20.78 -15.67
CA ARG B 81 -11.09 20.82 -16.34
C ARG B 81 -10.92 20.58 -17.84
N ALA B 82 -9.80 21.06 -18.36
CA ALA B 82 -9.54 20.94 -19.79
C ALA B 82 -9.33 19.48 -20.16
N SER B 83 -8.55 18.77 -19.37
CA SER B 83 -8.33 17.32 -19.53
C SER B 83 -9.61 16.51 -19.34
N ASP B 84 -10.31 16.79 -18.23
CA ASP B 84 -11.59 16.15 -17.97
C ASP B 84 -12.58 16.35 -19.13
N ASP B 85 -12.58 17.54 -19.74
CA ASP B 85 -13.48 17.84 -20.86
C ASP B 85 -13.09 17.10 -22.14
N ILE B 86 -11.83 16.70 -22.24
CA ILE B 86 -11.43 15.88 -23.37
C ILE B 86 -11.90 14.42 -23.16
N ARG B 87 -11.81 13.94 -21.92
CA ARG B 87 -12.36 12.62 -21.59
C ARG B 87 -13.86 12.54 -21.84
N ILE B 88 -14.59 13.55 -21.39
CA ILE B 88 -16.05 13.62 -21.64
C ILE B 88 -16.39 13.62 -23.13
N ARG B 89 -15.65 14.40 -23.91
CA ARG B 89 -15.90 14.50 -25.34
C ARG B 89 -15.69 13.15 -26.01
N SER B 90 -14.62 12.47 -25.62
CA SER B 90 -14.33 11.14 -26.15
C SER B 90 -15.46 10.18 -25.80
N TRP B 91 -15.96 10.28 -24.56
CA TRP B 91 -17.08 9.45 -24.13
C TRP B 91 -18.32 9.79 -24.96
N GLU B 92 -18.45 11.06 -25.33
CA GLU B 92 -19.57 11.50 -26.15
C GLU B 92 -19.42 11.01 -27.60
N LEU B 93 -18.24 11.23 -28.18
CA LEU B 93 -17.98 10.89 -29.58
C LEU B 93 -18.20 9.40 -29.83
N MET B 94 -17.51 8.57 -29.05
CA MET B 94 -17.52 7.12 -29.23
C MET B 94 -18.89 6.47 -28.96
N GLY B 95 -19.63 7.02 -28.00
CA GLY B 95 -20.96 6.55 -27.71
C GLY B 95 -21.93 6.84 -28.85
N GLN B 96 -21.71 7.93 -29.56
CA GLN B 96 -22.58 8.28 -30.68
C GLN B 96 -22.18 7.56 -31.96
N SER B 97 -20.89 7.30 -32.12
CA SER B 97 -20.39 6.82 -33.40
C SER B 97 -20.31 5.32 -33.49
N PHE B 98 -20.20 4.66 -32.34
CA PHE B 98 -19.98 3.23 -32.35
C PHE B 98 -20.95 2.42 -31.48
N VAL B 99 -21.28 1.22 -31.95
CA VAL B 99 -22.17 0.32 -31.21
C VAL B 99 -21.37 -0.39 -30.13
N ILE B 100 -21.70 -0.15 -28.87
CA ILE B 100 -21.04 -0.92 -27.83
C ILE B 100 -22.02 -1.86 -27.15
N GLU B 101 -22.08 -3.10 -27.64
CA GLU B 101 -22.77 -4.15 -26.91
C GLU B 101 -21.71 -4.69 -25.96
N GLY B 102 -21.96 -4.52 -24.65
CA GLY B 102 -20.98 -4.74 -23.60
C GLY B 102 -20.25 -6.07 -23.57
N GLN B 103 -19.43 -6.29 -22.56
CA GLN B 103 -18.63 -7.52 -22.52
C GLN B 103 -18.41 -8.10 -21.14
N THR B 104 -18.99 -7.45 -20.13
CA THR B 104 -19.06 -8.00 -18.78
C THR B 104 -19.58 -9.44 -18.81
N ASP B 105 -20.62 -9.70 -19.59
CA ASP B 105 -21.20 -11.05 -19.69
C ASP B 105 -20.28 -12.03 -20.40
N ARG B 106 -19.66 -11.56 -21.48
CA ARG B 106 -18.66 -12.32 -22.24
C ARG B 106 -17.51 -12.74 -21.34
N LEU B 107 -17.12 -11.84 -20.46
CA LEU B 107 -16.03 -12.09 -19.52
C LEU B 107 -16.45 -13.13 -18.46
N ARG B 108 -17.68 -13.02 -17.96
CA ARG B 108 -18.21 -13.98 -17.00
C ARG B 108 -18.13 -15.38 -17.56
N GLU B 109 -18.66 -15.57 -18.76
CA GLU B 109 -18.61 -16.86 -19.45
C GLU B 109 -17.18 -17.39 -19.52
N MET B 110 -16.22 -16.51 -19.81
CA MET B 110 -14.81 -16.89 -19.92
C MET B 110 -14.24 -17.37 -18.59
N GLY B 111 -14.67 -16.78 -17.49
CA GLY B 111 -14.26 -17.24 -16.17
C GLY B 111 -14.03 -16.13 -15.16
N TYR B 112 -14.31 -14.89 -15.58
CA TYR B 112 -13.96 -13.74 -14.77
C TYR B 112 -15.00 -13.46 -13.70
N SER B 113 -14.55 -13.25 -12.47
CA SER B 113 -15.47 -12.93 -11.37
C SER B 113 -15.71 -11.44 -11.32
N VAL B 114 -16.68 -11.05 -10.51
CA VAL B 114 -17.09 -9.67 -10.36
C VAL B 114 -15.94 -8.84 -9.77
N ARG B 115 -15.18 -9.46 -8.87
CA ARG B 115 -13.95 -8.85 -8.30
C ARG B 115 -12.94 -8.48 -9.38
N GLU B 116 -12.62 -9.47 -10.21
CA GLU B 116 -11.66 -9.34 -11.28
C GLU B 116 -12.06 -8.28 -12.29
N ILE B 117 -13.33 -8.26 -12.65
CA ILE B 117 -13.84 -7.29 -13.61
C ILE B 117 -13.79 -5.90 -13.02
N GLY B 118 -13.99 -5.81 -11.71
CA GLY B 118 -13.71 -4.56 -11.00
C GLY B 118 -12.28 -4.08 -11.25
N GLN B 119 -11.32 -4.98 -10.98
CA GLN B 119 -9.89 -4.64 -11.09
C GLN B 119 -9.49 -4.15 -12.48
N ILE B 120 -10.14 -4.72 -13.48
CA ILE B 120 -9.95 -4.33 -14.86
C ILE B 120 -10.51 -2.92 -15.13
N ARG B 121 -11.73 -2.66 -14.68
CA ARG B 121 -12.32 -1.34 -14.83
C ARG B 121 -11.45 -0.27 -14.18
N ALA B 122 -10.82 -0.66 -13.06
CA ALA B 122 -9.97 0.26 -12.31
C ALA B 122 -8.69 0.61 -13.07
N VAL B 123 -8.14 -0.36 -13.78
CA VAL B 123 -7.01 -0.12 -14.64
C VAL B 123 -7.42 0.82 -15.78
N LEU B 124 -8.57 0.59 -16.41
CA LEU B 124 -8.93 1.40 -17.55
C LEU B 124 -9.28 2.80 -17.11
N ASP B 125 -9.86 2.92 -15.92
CA ASP B 125 -10.07 4.23 -15.30
C ASP B 125 -8.79 5.09 -15.24
N ILE B 126 -7.67 4.51 -14.79
CA ILE B 126 -6.42 5.25 -14.69
C ILE B 126 -6.01 5.98 -15.97
N PHE B 127 -6.03 5.25 -17.08
CA PHE B 127 -5.62 5.76 -18.35
C PHE B 127 -6.67 6.71 -18.91
N ASP B 128 -7.94 6.35 -18.72
CA ASP B 128 -9.09 7.21 -19.03
C ASP B 128 -8.84 8.59 -18.43
N TYR B 129 -8.37 8.64 -17.19
CA TYR B 129 -8.17 9.94 -16.55
C TYR B 129 -6.84 10.59 -16.99
N GLY B 130 -5.82 9.77 -17.27
CA GLY B 130 -4.48 10.30 -17.38
C GLY B 130 -4.10 10.77 -18.77
N ASN B 131 -4.68 10.13 -19.78
CA ASN B 131 -4.27 10.39 -21.15
C ASN B 131 -4.60 11.79 -21.71
N PRO B 132 -5.74 12.39 -21.34
CA PRO B 132 -5.90 13.75 -21.86
C PRO B 132 -4.86 14.72 -21.32
N LYS B 133 -4.27 14.37 -20.18
CA LYS B 133 -3.21 15.21 -19.62
C LYS B 133 -1.93 15.05 -20.44
N TYR B 134 -1.60 13.82 -20.81
CA TYR B 134 -0.43 13.60 -21.65
C TYR B 134 -0.58 14.16 -23.06
N LEU B 135 -1.75 13.94 -23.65
CA LEU B 135 -2.12 14.56 -24.91
C LEU B 135 -1.87 16.08 -24.93
N ILE B 136 -2.39 16.81 -23.94
CA ILE B 136 -2.21 18.26 -23.91
C ILE B 136 -0.73 18.63 -23.73
N PHE B 137 -0.01 17.88 -22.91
CA PHE B 137 1.44 18.06 -22.74
C PHE B 137 2.17 17.80 -24.05
N ALA B 138 1.92 16.63 -24.65
CA ALA B 138 2.42 16.36 -26.00
C ALA B 138 2.18 17.50 -26.98
N THR B 139 0.97 18.06 -26.97
CA THR B 139 0.60 19.11 -27.92
C THR B 139 1.43 20.38 -27.71
N ALA B 140 1.56 20.79 -26.46
CA ALA B 140 2.34 21.97 -26.15
C ALA B 140 3.80 21.81 -26.58
N ILE B 141 4.38 20.64 -26.31
CA ILE B 141 5.77 20.35 -26.69
C ILE B 141 5.97 20.43 -28.18
N LYS B 142 5.10 19.74 -28.93
CA LYS B 142 5.24 19.69 -30.39
C LYS B 142 4.98 21.04 -31.05
N GLU B 143 3.93 21.73 -30.61
CA GLU B 143 3.58 23.01 -31.21
C GLU B 143 4.50 24.14 -30.80
N GLY B 144 5.14 24.02 -29.64
CA GLY B 144 6.08 25.02 -29.18
C GLY B 144 7.32 24.98 -30.04
N LEU B 145 7.79 23.76 -30.30
CA LEU B 145 8.95 23.53 -31.16
C LEU B 145 8.68 23.95 -32.60
N LEU B 146 7.56 23.48 -33.14
CA LEU B 146 7.25 23.74 -34.55
C LEU B 146 7.09 25.22 -34.87
N SER B 147 6.39 25.95 -34.00
CA SER B 147 5.97 27.32 -34.30
C SER B 147 6.75 28.40 -33.55
N GLY B 148 7.57 27.98 -32.60
CA GLY B 148 8.32 28.92 -31.79
C GLY B 148 7.46 29.88 -30.97
N ARG B 149 6.15 29.63 -30.91
CA ARG B 149 5.21 30.60 -30.34
C ARG B 149 5.09 30.56 -28.82
N THR B 150 4.61 31.67 -28.25
CA THR B 150 4.25 31.75 -26.84
C THR B 150 2.73 31.49 -26.65
N PHE B 151 2.39 30.46 -25.89
CA PHE B 151 1.00 30.01 -25.79
C PHE B 151 0.38 30.35 -24.44
N GLY B 152 -0.88 30.77 -24.43
CA GLY B 152 -1.58 31.02 -23.18
C GLY B 152 -1.08 32.25 -22.45
N GLY B 153 -1.47 32.39 -21.19
CA GLY B 153 -0.94 33.48 -20.37
C GLY B 153 -1.97 34.47 -19.90
N ALA B 154 -3.19 34.32 -20.39
CA ALA B 154 -4.28 35.25 -20.07
C ALA B 154 -4.73 35.09 -18.65
N ALA B 155 -5.13 36.21 -18.04
CA ALA B 155 -5.66 36.16 -16.68
C ALA B 155 -7.08 35.61 -16.68
N GLY B 156 -7.94 36.26 -17.46
CA GLY B 156 -9.34 35.90 -17.56
C GLY B 156 -10.00 35.69 -16.22
N ASP B 157 -10.73 34.59 -16.15
CA ASP B 157 -11.35 34.13 -14.92
C ASP B 157 -10.28 33.75 -13.93
N ALA B 158 -10.23 34.44 -12.80
CA ALA B 158 -9.24 34.12 -11.77
C ALA B 158 -9.37 32.66 -11.25
N ARG B 159 -10.58 32.09 -11.29
CA ARG B 159 -10.76 30.72 -10.78
C ARG B 159 -10.03 29.72 -11.67
N CYS B 160 -9.66 30.15 -12.87
CA CYS B 160 -8.89 29.29 -13.75
C CYS B 160 -7.51 28.99 -13.22
N HIS B 161 -7.04 29.83 -12.30
CA HIS B 161 -5.66 29.73 -11.81
C HIS B 161 -5.59 29.04 -10.47
N PHE B 162 -6.77 28.64 -9.98
CA PHE B 162 -6.89 27.95 -8.70
C PHE B 162 -6.23 26.59 -8.80
N PRO B 163 -5.78 26.04 -7.65
CA PRO B 163 -5.27 24.66 -7.61
C PRO B 163 -6.30 23.67 -8.13
N ARG B 164 -5.84 22.63 -8.83
CA ARG B 164 -6.75 21.63 -9.42
C ARG B 164 -7.43 20.78 -8.35
N SER B 165 -8.48 20.06 -8.73
CA SER B 165 -9.08 19.08 -7.79
C SER B 165 -7.96 18.15 -7.34
N PRO B 166 -7.73 18.10 -6.01
CA PRO B 166 -6.46 17.66 -5.42
C PRO B 166 -6.27 16.16 -5.18
N ILE B 167 -7.31 15.35 -5.05
CA ILE B 167 -7.06 13.93 -4.76
C ILE B 167 -6.41 13.25 -5.98
N CYS B 168 -5.62 12.22 -5.69
CA CYS B 168 -4.80 11.52 -6.68
C CYS B 168 -4.37 10.14 -6.20
N GLN B 169 -4.27 9.19 -7.12
CA GLN B 169 -3.60 7.89 -6.86
C GLN B 169 -2.30 7.85 -7.64
N ILE B 170 -1.16 7.88 -6.94
CA ILE B 170 0.15 7.91 -7.60
C ILE B 170 1.06 6.71 -7.40
N ASP B 171 0.65 5.81 -6.49
CA ASP B 171 1.34 4.53 -6.26
C ASP B 171 0.28 3.44 -6.24
N PRO B 172 0.66 2.21 -6.64
CA PRO B 172 1.95 1.87 -7.26
C PRO B 172 1.89 2.04 -8.78
N ILE B 173 2.99 1.77 -9.47
CA ILE B 173 2.94 1.78 -10.93
C ILE B 173 2.07 0.59 -11.33
N PRO B 174 1.14 0.80 -12.28
CA PRO B 174 0.28 -0.30 -12.74
C PRO B 174 1.12 -1.49 -13.18
N VAL B 175 0.60 -2.71 -13.02
CA VAL B 175 1.33 -3.87 -13.49
C VAL B 175 1.26 -3.92 -15.00
N MET B 176 2.42 -3.84 -15.64
CA MET B 176 2.50 -3.77 -17.09
C MET B 176 3.34 -4.92 -17.61
N VAL B 177 2.80 -5.66 -18.57
CA VAL B 177 3.60 -6.67 -19.22
C VAL B 177 4.42 -6.05 -20.35
N GLU B 178 5.64 -5.64 -20.01
CA GLU B 178 6.61 -5.13 -21.00
C GLU B 178 6.85 -6.10 -22.15
N GLU B 179 7.49 -5.61 -23.21
CA GLU B 179 7.66 -6.38 -24.44
C GLU B 179 8.63 -7.54 -24.26
N HIS B 180 9.54 -7.44 -23.29
CA HIS B 180 10.51 -8.52 -23.08
C HIS B 180 9.99 -9.50 -22.03
N HIS B 181 8.88 -9.14 -21.40
CA HIS B 181 8.13 -10.03 -20.52
C HIS B 181 7.31 -11.01 -21.34
N ALA B 182 6.85 -10.53 -22.48
CA ALA B 182 5.89 -11.22 -23.32
C ALA B 182 6.39 -12.56 -23.87
N GLY B 183 5.52 -13.56 -23.90
CA GLY B 183 5.79 -14.79 -24.61
C GLY B 183 5.27 -14.65 -26.03
N GLY B 184 5.19 -15.78 -26.74
CA GLY B 184 4.84 -15.77 -28.16
C GLY B 184 3.49 -15.22 -28.55
N THR B 185 2.42 -15.79 -27.99
CA THR B 185 1.06 -15.43 -28.40
C THR B 185 0.82 -13.94 -28.16
N LEU B 186 1.15 -13.51 -26.95
CA LEU B 186 1.00 -12.12 -26.55
C LEU B 186 1.85 -11.22 -27.45
N SER B 187 3.00 -11.72 -27.89
CA SER B 187 3.86 -10.98 -28.80
C SER B 187 3.15 -10.70 -30.11
N GLN B 188 2.31 -11.63 -30.56
CA GLN B 188 1.59 -11.45 -31.81
C GLN B 188 0.43 -10.49 -31.63
N VAL B 189 -0.23 -10.54 -30.47
CA VAL B 189 -1.18 -9.49 -30.14
C VAL B 189 -0.47 -8.15 -30.14
N TYR B 190 0.76 -8.12 -29.63
CA TYR B 190 1.55 -6.90 -29.56
C TYR B 190 2.06 -6.43 -30.94
N ALA B 191 2.32 -7.37 -31.83
CA ALA B 191 2.73 -7.02 -33.19
C ALA B 191 1.52 -6.54 -33.99
N ASP B 192 0.38 -7.17 -33.73
CA ASP B 192 -0.88 -6.86 -34.41
C ASP B 192 -1.30 -5.41 -34.17
N ILE B 193 -1.11 -4.96 -32.93
CA ILE B 193 -1.46 -3.61 -32.52
C ILE B 193 -0.52 -2.56 -33.11
N LYS B 194 0.79 -2.78 -32.96
CA LYS B 194 1.80 -1.87 -33.49
C LYS B 194 1.50 -1.55 -34.94
N GLN B 195 1.34 -2.60 -35.72
CA GLN B 195 1.01 -2.50 -37.14
C GLN B 195 -0.32 -1.78 -37.40
N THR B 196 -1.38 -2.23 -36.74
CA THR B 196 -2.71 -1.64 -36.90
C THR B 196 -2.73 -0.15 -36.56
N LEU B 197 -2.08 0.20 -35.46
CA LEU B 197 -2.05 1.59 -35.00
C LEU B 197 -0.88 2.35 -35.63
N GLN B 198 -0.06 1.63 -36.42
CA GLN B 198 1.13 2.20 -37.04
C GLN B 198 2.05 2.82 -36.01
N LEU B 199 2.43 2.05 -34.99
CA LEU B 199 3.34 2.56 -33.98
C LEU B 199 4.48 1.58 -33.73
N PRO B 200 5.70 2.11 -33.46
CA PRO B 200 6.87 1.28 -33.16
C PRO B 200 6.90 0.79 -31.71
N PHE B 201 5.90 1.18 -30.92
CA PHE B 201 5.84 0.86 -29.49
C PHE B 201 4.47 0.33 -29.05
N ILE B 202 4.44 -0.38 -27.92
CA ILE B 202 3.18 -0.71 -27.26
C ILE B 202 2.87 0.27 -26.13
N ASN B 203 1.73 0.96 -26.23
CA ASN B 203 1.26 1.85 -25.17
C ASN B 203 1.21 1.19 -23.78
N SER B 204 1.42 1.99 -22.72
CA SER B 204 1.31 1.51 -21.35
C SER B 204 -0.07 0.91 -21.06
N ASP B 205 -1.07 1.51 -21.70
CA ASP B 205 -2.47 1.08 -21.67
C ASP B 205 -2.65 -0.39 -21.99
N TYR B 206 -2.09 -0.84 -23.13
CA TYR B 206 -2.26 -2.23 -23.52
C TYR B 206 -1.43 -3.14 -22.64
N LYS B 207 -0.21 -2.71 -22.34
CA LYS B 207 0.66 -3.51 -21.48
C LYS B 207 -0.03 -3.83 -20.15
N ALA B 208 -0.75 -2.86 -19.58
CA ALA B 208 -1.42 -3.10 -18.30
C ALA B 208 -2.68 -3.95 -18.48
N MET B 209 -3.35 -3.83 -19.62
CA MET B 209 -4.42 -4.76 -19.93
C MET B 209 -3.84 -6.17 -20.06
N ALA B 210 -2.60 -6.27 -20.53
CA ALA B 210 -2.01 -7.56 -20.87
C ALA B 210 -1.79 -8.50 -19.67
N ARG B 211 -1.78 -7.98 -18.46
CA ARG B 211 -1.74 -8.73 -17.26
C ARG B 211 -2.87 -9.76 -17.30
N TRP B 212 -3.90 -9.43 -18.04
CA TRP B 212 -5.03 -10.25 -18.28
C TRP B 212 -5.10 -10.65 -19.77
N PRO B 213 -4.17 -11.47 -20.21
CA PRO B 213 -4.04 -11.81 -21.63
C PRO B 213 -5.36 -12.05 -22.33
N SER B 214 -6.14 -13.06 -21.94
CA SER B 214 -7.42 -13.35 -22.59
C SER B 214 -8.37 -12.15 -22.65
N TYR B 215 -8.26 -11.23 -21.69
CA TYR B 215 -9.11 -10.05 -21.67
C TYR B 215 -8.65 -9.03 -22.74
N LEU B 216 -7.34 -8.91 -22.93
CA LEU B 216 -6.82 -7.91 -23.85
C LEU B 216 -7.13 -8.27 -25.29
N GLU B 217 -6.99 -9.55 -25.64
CA GLU B 217 -7.30 -10.01 -26.99
C GLU B 217 -8.77 -9.81 -27.35
N GLN B 218 -9.63 -10.09 -26.38
CA GLN B 218 -11.05 -9.89 -26.56
C GLN B 218 -11.40 -8.41 -26.80
N ALA B 219 -10.82 -7.54 -25.99
CA ALA B 219 -11.14 -6.12 -26.07
C ALA B 219 -10.55 -5.50 -27.34
N TRP B 220 -9.29 -5.78 -27.59
CA TRP B 220 -8.60 -5.28 -28.78
C TRP B 220 -9.29 -5.77 -30.04
N GLY B 221 -9.66 -7.06 -30.00
CA GLY B 221 -10.36 -7.70 -31.10
C GLY B 221 -11.71 -7.08 -31.42
N ALA B 222 -12.35 -6.47 -30.42
CA ALA B 222 -13.57 -5.71 -30.67
C ALA B 222 -13.29 -4.27 -31.13
N LEU B 223 -12.14 -3.72 -30.73
CA LEU B 223 -11.83 -2.33 -31.07
C LEU B 223 -11.24 -2.21 -32.47
N LYS B 224 -10.42 -3.19 -32.82
CA LYS B 224 -9.65 -3.12 -34.07
C LYS B 224 -10.46 -2.65 -35.28
N PRO B 225 -11.64 -3.28 -35.55
CA PRO B 225 -12.34 -2.88 -36.78
C PRO B 225 -12.81 -1.43 -36.82
N CYS B 226 -12.67 -0.71 -35.71
CA CYS B 226 -13.12 0.67 -35.64
C CYS B 226 -12.02 1.68 -36.01
N ILE B 227 -10.76 1.24 -35.85
CA ILE B 227 -9.61 2.08 -36.16
C ILE B 227 -9.71 2.59 -37.59
N ASP B 228 -9.40 3.87 -37.78
CA ASP B 228 -9.31 4.49 -39.11
C ASP B 228 -10.57 4.34 -39.97
N THR B 229 -11.69 3.95 -39.36
CA THR B 229 -12.99 4.18 -39.99
C THR B 229 -13.18 5.68 -40.07
N PRO B 230 -14.14 6.14 -40.91
CA PRO B 230 -14.24 7.59 -41.03
C PRO B 230 -14.70 8.29 -39.74
N ALA B 231 -15.62 7.67 -39.00
CA ALA B 231 -16.10 8.28 -37.76
C ALA B 231 -15.02 8.34 -36.68
N TYR B 232 -14.16 7.32 -36.63
CA TYR B 232 -12.98 7.31 -35.78
C TYR B 232 -12.05 8.46 -36.19
N GLN B 233 -11.69 8.53 -37.46
CA GLN B 233 -10.77 9.58 -37.92
C GLN B 233 -11.35 10.97 -37.72
N ALA B 234 -12.66 11.10 -37.88
CA ALA B 234 -13.34 12.36 -37.56
C ALA B 234 -13.25 12.65 -36.07
N GLY B 235 -13.49 11.63 -35.25
CA GLY B 235 -13.49 11.80 -33.81
C GLY B 235 -12.11 12.19 -33.32
N ARG B 236 -11.11 11.55 -33.90
CA ARG B 236 -9.72 11.84 -33.55
C ARG B 236 -9.27 13.27 -33.89
N PHE B 237 -9.73 13.80 -35.02
CA PHE B 237 -9.42 15.19 -35.36
C PHE B 237 -10.01 16.10 -34.30
N ASP B 238 -11.23 15.75 -33.86
CA ASP B 238 -11.94 16.53 -32.86
C ASP B 238 -11.16 16.59 -31.56
N ILE B 239 -10.82 15.42 -31.03
CA ILE B 239 -9.98 15.28 -29.83
C ILE B 239 -8.70 16.09 -30.02
N ASN B 240 -8.08 15.97 -31.19
CA ASN B 240 -6.85 16.75 -31.47
C ASN B 240 -7.07 18.26 -31.40
N ALA B 241 -8.17 18.75 -31.98
CA ALA B 241 -8.42 20.19 -32.03
C ALA B 241 -8.69 20.75 -30.63
N ARG B 242 -9.14 19.89 -29.73
CA ARG B 242 -9.48 20.33 -28.38
C ARG B 242 -8.25 20.45 -27.52
N ALA B 243 -7.26 19.62 -27.80
CA ALA B 243 -5.97 19.72 -27.13
C ALA B 243 -5.26 20.99 -27.63
N LEU B 244 -5.42 21.25 -28.92
CA LEU B 244 -4.94 22.53 -29.49
C LEU B 244 -5.63 23.72 -28.83
N ALA B 245 -6.91 23.58 -28.48
CA ALA B 245 -7.58 24.68 -27.80
C ALA B 245 -7.10 24.81 -26.36
N ALA B 246 -6.86 23.68 -25.68
CA ALA B 246 -6.30 23.75 -24.32
C ALA B 246 -4.91 24.39 -24.34
N LEU B 247 -4.09 24.05 -25.32
CA LEU B 247 -2.80 24.70 -25.47
C LEU B 247 -2.94 26.22 -25.57
N ASP B 248 -3.89 26.69 -26.39
CA ASP B 248 -4.06 28.13 -26.57
C ASP B 248 -4.48 28.80 -25.25
N ALA B 249 -5.11 28.02 -24.36
CA ALA B 249 -5.74 28.55 -23.16
C ALA B 249 -4.99 28.34 -21.83
N LEU B 250 -3.75 27.87 -21.87
CA LEU B 250 -3.00 27.60 -20.64
C LEU B 250 -2.96 28.84 -19.75
N PRO B 251 -3.06 28.66 -18.43
CA PRO B 251 -3.18 29.81 -17.52
C PRO B 251 -1.85 30.52 -17.34
N THR B 252 -0.77 29.78 -17.52
CA THR B 252 0.60 30.31 -17.44
C THR B 252 1.21 30.14 -18.81
N ALA B 253 1.78 31.21 -19.38
CA ALA B 253 2.26 31.15 -20.75
C ALA B 253 3.36 30.09 -20.93
N TYR B 254 3.32 29.38 -22.06
CA TYR B 254 4.32 28.36 -22.35
C TYR B 254 5.03 28.66 -23.66
N ARG B 255 6.34 28.89 -23.59
CA ARG B 255 7.13 28.98 -24.80
C ARG B 255 8.31 28.03 -24.66
N MET B 256 8.53 27.20 -25.67
CA MET B 256 9.72 26.34 -25.72
C MET B 256 10.02 26.05 -27.18
N SER B 257 10.76 26.97 -27.79
CA SER B 257 11.06 26.92 -29.21
C SER B 257 12.30 26.10 -29.51
N ARG B 258 12.63 26.05 -30.80
CA ARG B 258 13.83 25.37 -31.25
C ARG B 258 15.02 26.05 -30.61
N ASP B 259 14.92 27.36 -30.41
CA ASP B 259 16.06 28.05 -29.85
C ASP B 259 16.17 27.78 -28.35
N ASP B 260 15.04 27.54 -27.69
CA ASP B 260 15.07 27.21 -26.26
C ASP B 260 15.63 25.78 -26.08
N ALA B 261 15.44 24.96 -27.10
CA ALA B 261 16.01 23.63 -27.17
C ALA B 261 17.53 23.69 -27.17
N LEU B 262 18.06 24.55 -28.03
CA LEU B 262 19.51 24.80 -28.10
C LEU B 262 20.01 25.30 -26.76
N GLN B 263 19.34 26.31 -26.21
CA GLN B 263 19.76 26.87 -24.93
C GLN B 263 19.71 25.80 -23.85
N ALA B 264 18.72 24.90 -23.91
CA ALA B 264 18.65 23.80 -22.96
C ALA B 264 19.83 22.86 -23.12
N GLY B 265 20.41 22.80 -24.31
CA GLY B 265 21.65 22.07 -24.49
C GLY B 265 21.69 20.98 -25.55
N LEU B 266 20.69 20.99 -26.43
CA LEU B 266 20.59 20.03 -27.54
C LEU B 266 21.23 20.58 -28.81
N SER B 267 21.84 19.71 -29.62
CA SER B 267 22.30 20.12 -30.95
C SER B 267 21.09 20.52 -31.80
N GLU B 268 21.30 21.23 -32.91
CA GLU B 268 20.23 21.49 -33.86
C GLU B 268 19.65 20.16 -34.37
N ALA B 269 20.54 19.20 -34.61
CA ALA B 269 20.18 17.91 -35.18
C ALA B 269 19.36 17.05 -34.22
N GLN B 270 19.64 17.13 -32.91
CA GLN B 270 18.89 16.42 -31.89
C GLN B 270 17.50 17.04 -31.74
N THR B 271 17.41 18.33 -32.04
CA THR B 271 16.15 19.04 -31.95
C THR B 271 15.24 18.57 -33.08
N ASP B 272 15.85 18.37 -34.25
CA ASP B 272 15.14 17.83 -35.41
C ASP B 272 14.55 16.45 -35.15
N GLU B 273 15.32 15.58 -34.48
CA GLU B 273 14.86 14.22 -34.22
C GLU B 273 13.78 14.23 -33.14
N LEU B 274 13.93 15.12 -32.16
CA LEU B 274 12.95 15.28 -31.10
C LEU B 274 11.59 15.68 -31.67
N ILE B 275 11.61 16.56 -32.67
CA ILE B 275 10.41 17.06 -33.32
C ILE B 275 9.67 15.92 -34.02
N GLN B 276 10.41 15.06 -34.69
CA GLN B 276 9.83 13.87 -35.29
C GLN B 276 9.25 12.94 -34.22
N VAL B 277 9.98 12.80 -33.11
CA VAL B 277 9.57 11.90 -32.04
C VAL B 277 8.32 12.41 -31.34
N ILE B 278 8.29 13.69 -30.98
CA ILE B 278 7.12 14.21 -30.27
C ILE B 278 5.91 14.32 -31.21
N SER B 279 6.15 14.52 -32.51
CA SER B 279 5.04 14.61 -33.45
C SER B 279 4.36 13.24 -33.56
N LEU B 280 5.15 12.17 -33.51
CA LEU B 280 4.60 10.82 -33.55
C LEU B 280 3.74 10.52 -32.33
N PHE B 281 4.29 10.77 -31.15
CA PHE B 281 3.58 10.50 -29.91
C PHE B 281 2.33 11.35 -29.77
N GLN B 282 2.44 12.63 -30.13
CA GLN B 282 1.31 13.55 -30.12
C GLN B 282 0.18 13.07 -31.04
N TRP B 283 0.55 12.48 -32.17
CA TRP B 283 -0.46 11.89 -33.06
C TRP B 283 -1.02 10.61 -32.45
N MET B 284 -0.16 9.84 -31.79
CA MET B 284 -0.64 8.64 -31.12
C MET B 284 -1.73 8.95 -30.09
N LEU B 285 -1.57 10.05 -29.36
CA LEU B 285 -2.36 10.26 -28.15
C LEU B 285 -3.85 10.58 -28.36
N SER B 286 -4.25 11.18 -29.47
CA SER B 286 -5.68 11.41 -29.64
C SER B 286 -6.35 10.07 -29.93
N GLY B 287 -5.58 9.16 -30.51
CA GLY B 287 -6.07 7.83 -30.83
C GLY B 287 -6.23 6.92 -29.61
N ILE B 288 -5.28 6.96 -28.69
CA ILE B 288 -5.40 6.14 -27.48
C ILE B 288 -6.59 6.61 -26.62
N VAL B 289 -6.95 7.89 -26.74
CA VAL B 289 -8.02 8.43 -25.90
C VAL B 289 -9.37 7.91 -26.38
N LEU B 290 -9.52 7.78 -27.68
CA LEU B 290 -10.67 7.08 -28.24
C LEU B 290 -10.60 5.62 -27.84
N ASN B 291 -9.40 5.06 -27.97
CA ASN B 291 -9.16 3.65 -27.73
C ASN B 291 -9.56 3.24 -26.30
N VAL B 292 -8.99 3.94 -25.32
CA VAL B 292 -9.32 3.65 -23.93
C VAL B 292 -10.82 3.81 -23.66
N THR B 293 -11.40 4.88 -24.20
CA THR B 293 -12.84 5.14 -24.11
C THR B 293 -13.65 3.95 -24.58
N HIS B 294 -13.26 3.41 -25.74
CA HIS B 294 -13.94 2.23 -26.28
C HIS B 294 -13.91 1.05 -25.30
N PHE B 295 -12.72 0.66 -24.84
CA PHE B 295 -12.56 -0.42 -23.84
C PHE B 295 -13.45 -0.22 -22.62
N LYS B 296 -13.49 1.03 -22.15
CA LYS B 296 -14.24 1.34 -20.94
C LYS B 296 -15.74 1.28 -21.22
N GLN B 297 -16.15 1.73 -22.40
CA GLN B 297 -17.56 1.66 -22.73
C GLN B 297 -18.01 0.19 -22.81
N GLN B 298 -17.19 -0.69 -23.39
CA GLN B 298 -17.54 -2.13 -23.45
C GLN B 298 -17.61 -2.72 -22.05
N ALA B 299 -16.75 -2.21 -21.16
CA ALA B 299 -16.62 -2.76 -19.83
C ALA B 299 -17.84 -2.49 -18.97
N LEU B 300 -18.63 -1.49 -19.36
CA LEU B 300 -19.86 -1.15 -18.66
C LEU B 300 -21.07 -1.83 -19.30
N HIS C 9 -25.44 41.02 6.18
CA HIS C 9 -25.29 40.40 7.49
C HIS C 9 -26.00 39.03 7.56
N LEU C 10 -25.84 38.28 6.47
CA LEU C 10 -26.46 36.98 6.23
C LEU C 10 -25.93 35.87 7.14
N GLN C 11 -26.79 35.07 7.77
CA GLN C 11 -26.25 33.89 8.46
C GLN C 11 -27.18 32.70 8.62
N LEU C 12 -26.53 31.54 8.58
CA LEU C 12 -27.12 30.22 8.68
C LEU C 12 -27.55 29.97 10.11
N PRO C 13 -28.86 29.75 10.31
CA PRO C 13 -29.32 29.50 11.68
C PRO C 13 -28.84 28.13 12.16
N ARG C 14 -28.29 28.06 13.35
CA ARG C 14 -27.92 26.76 13.91
C ARG C 14 -29.18 26.05 14.38
N PRO C 15 -29.41 24.81 13.91
CA PRO C 15 -30.60 24.12 14.42
C PRO C 15 -30.41 23.58 15.82
N VAL C 16 -31.51 23.57 16.59
CA VAL C 16 -31.57 22.89 17.87
C VAL C 16 -31.37 21.38 17.69
N CYS C 17 -30.28 20.83 18.23
CA CYS C 17 -30.13 19.37 18.23
C CYS C 17 -30.29 18.83 19.65
N GLU C 18 -31.41 18.16 19.88
CA GLU C 18 -31.69 17.50 21.15
C GLU C 18 -31.12 16.09 21.13
N ALA C 19 -30.98 15.57 19.92
CA ALA C 19 -30.71 14.14 19.70
C ALA C 19 -29.31 13.70 20.11
N ILE C 20 -29.23 12.51 20.69
CA ILE C 20 -27.95 11.86 20.93
C ILE C 20 -27.44 11.30 19.59
N ILE C 21 -26.25 11.74 19.19
CA ILE C 21 -25.59 11.25 17.99
C ILE C 21 -24.79 9.98 18.32
N ARG C 22 -24.86 8.96 17.47
CA ARG C 22 -24.27 7.66 17.82
C ARG C 22 -23.56 6.98 16.66
N PRO C 23 -22.41 7.55 16.25
CA PRO C 23 -21.66 7.11 15.06
C PRO C 23 -21.06 5.72 15.17
N VAL C 24 -21.24 4.89 14.14
CA VAL C 24 -20.42 3.69 14.01
C VAL C 24 -19.13 4.07 13.25
N PRO C 25 -17.99 4.09 13.97
CA PRO C 25 -16.72 4.39 13.29
C PRO C 25 -16.24 3.21 12.48
N GLU C 26 -15.32 3.42 11.54
CA GLU C 26 -14.91 2.36 10.63
C GLU C 26 -14.25 1.21 11.41
N HIS C 27 -13.69 1.54 12.58
CA HIS C 27 -12.96 0.54 13.34
C HIS C 27 -13.86 -0.32 14.24
N ARG C 28 -15.16 -0.03 14.29
CA ARG C 28 -16.14 -0.90 14.95
C ARG C 28 -17.18 -1.47 14.01
N ALA C 29 -17.33 -0.86 12.84
CA ALA C 29 -18.37 -1.25 11.88
C ALA C 29 -18.32 -2.74 11.55
N ASP C 30 -19.46 -3.41 11.60
CA ASP C 30 -19.48 -4.85 11.31
C ASP C 30 -19.37 -5.11 9.82
N GLN C 31 -19.40 -6.39 9.45
CA GLN C 31 -19.10 -6.84 8.10
C GLN C 31 -20.04 -6.27 7.05
N GLU C 32 -21.34 -6.39 7.32
CA GLU C 32 -22.38 -5.85 6.44
C GLU C 32 -22.23 -4.35 6.25
N LEU C 33 -22.12 -3.62 7.35
CA LEU C 33 -22.02 -2.18 7.30
C LEU C 33 -20.70 -1.72 6.66
N SER C 34 -19.59 -2.39 6.98
CA SER C 34 -18.31 -2.05 6.38
C SER C 34 -18.38 -2.12 4.86
N GLU C 35 -19.24 -3.00 4.35
CA GLU C 35 -19.36 -3.19 2.91
C GLU C 35 -20.23 -2.08 2.30
N ILE C 36 -21.09 -1.48 3.11
CA ILE C 36 -21.73 -0.24 2.68
C ILE C 36 -20.72 0.89 2.78
N TYR C 37 -19.94 0.89 3.86
CA TYR C 37 -18.91 1.89 4.08
C TYR C 37 -17.93 1.91 2.92
N ARG C 38 -17.49 0.73 2.50
CA ARG C 38 -16.64 0.57 1.32
C ARG C 38 -17.22 1.26 0.07
N ASP C 39 -18.47 0.93 -0.26
CA ASP C 39 -19.09 1.36 -1.50
C ASP C 39 -19.22 2.88 -1.52
N LEU C 40 -19.54 3.44 -0.35
CA LEU C 40 -19.62 4.87 -0.17
C LEU C 40 -18.27 5.53 -0.46
N LYS C 41 -17.21 4.92 0.04
CA LYS C 41 -15.87 5.46 -0.19
C LYS C 41 -15.44 5.29 -1.63
N ALA C 42 -15.72 4.13 -2.22
CA ALA C 42 -15.35 3.89 -3.60
C ALA C 42 -16.16 4.74 -4.59
N THR C 43 -17.34 5.22 -4.18
CA THR C 43 -18.17 6.10 -5.04
C THR C 43 -17.75 7.57 -4.91
N PHE C 44 -17.72 8.06 -3.68
CA PHE C 44 -17.20 9.40 -3.41
C PHE C 44 -15.73 9.50 -3.84
N GLY C 45 -15.03 8.38 -3.77
CA GLY C 45 -13.62 8.35 -4.08
C GLY C 45 -12.75 8.98 -3.00
N VAL C 46 -13.19 8.85 -1.75
CA VAL C 46 -12.43 9.32 -0.60
C VAL C 46 -12.05 8.13 0.32
N PRO C 47 -10.95 8.26 1.09
CA PRO C 47 -10.47 7.13 1.91
C PRO C 47 -11.03 7.07 3.33
N TRP C 48 -12.13 7.79 3.59
CA TRP C 48 -12.68 7.93 4.92
C TRP C 48 -14.21 8.02 4.88
N VAL C 49 -14.86 7.34 5.82
CA VAL C 49 -16.29 7.46 6.00
C VAL C 49 -16.50 8.62 6.94
N GLY C 50 -17.29 9.60 6.53
CA GLY C 50 -17.46 10.78 7.34
C GLY C 50 -18.31 10.55 8.57
N VAL C 51 -18.12 11.38 9.59
CA VAL C 51 -18.92 11.24 10.81
C VAL C 51 -20.40 11.43 10.55
N ILE C 52 -20.76 12.27 9.57
CA ILE C 52 -22.15 12.42 9.20
C ILE C 52 -22.73 11.07 8.78
N THR C 53 -21.98 10.33 7.97
CA THR C 53 -22.48 9.07 7.45
C THR C 53 -22.38 7.99 8.55
N GLN C 54 -21.46 8.20 9.49
CA GLN C 54 -21.31 7.33 10.65
C GLN C 54 -22.52 7.40 11.56
N ALA C 55 -23.12 8.59 11.64
CA ALA C 55 -24.24 8.78 12.57
C ALA C 55 -25.56 8.36 11.94
N VAL C 56 -25.74 8.70 10.66
CA VAL C 56 -26.91 8.22 9.94
C VAL C 56 -26.85 6.70 9.94
N ALA C 57 -25.62 6.15 9.94
CA ALA C 57 -25.41 4.70 9.88
C ALA C 57 -26.03 3.96 11.08
N TYR C 58 -26.19 4.65 12.21
CA TYR C 58 -26.88 4.10 13.36
C TYR C 58 -28.30 3.66 12.95
N TYR C 59 -28.98 4.52 12.20
CA TYR C 59 -30.31 4.21 11.70
C TYR C 59 -30.17 3.37 10.44
N ARG C 60 -29.61 2.18 10.60
CA ARG C 60 -29.03 1.45 9.47
C ARG C 60 -29.96 1.09 8.29
N PRO C 61 -31.21 0.66 8.55
CA PRO C 61 -31.98 0.39 7.32
C PRO C 61 -32.31 1.68 6.52
N PHE C 62 -32.40 2.83 7.20
CA PHE C 62 -32.61 4.10 6.49
C PHE C 62 -31.34 4.51 5.73
N PHE C 63 -30.20 4.28 6.37
CA PHE C 63 -28.89 4.57 5.79
C PHE C 63 -28.67 3.82 4.50
N ALA C 64 -28.92 2.52 4.53
CA ALA C 64 -28.77 1.66 3.37
C ALA C 64 -29.64 2.10 2.20
N GLU C 65 -30.83 2.60 2.51
CA GLU C 65 -31.81 2.89 1.46
C GLU C 65 -31.59 4.29 0.88
N ALA C 66 -31.19 5.22 1.74
CA ALA C 66 -30.88 6.56 1.27
C ALA C 66 -29.63 6.54 0.40
N TRP C 67 -28.68 5.65 0.71
CA TRP C 67 -27.46 5.56 -0.11
C TRP C 67 -27.72 4.78 -1.40
N ARG C 68 -28.55 3.74 -1.37
CA ARG C 68 -28.85 3.08 -2.63
C ARG C 68 -29.48 4.07 -3.64
N ARG C 69 -30.26 5.03 -3.14
CA ARG C 69 -31.01 5.95 -4.01
C ARG C 69 -30.22 7.17 -4.46
N PHE C 70 -29.22 7.51 -3.67
CA PHE C 70 -28.40 8.67 -3.94
C PHE C 70 -27.19 8.30 -4.78
N ALA C 71 -26.72 7.07 -4.60
CA ALA C 71 -25.56 6.56 -5.34
C ALA C 71 -25.66 6.69 -6.86
N PRO C 72 -26.88 6.55 -7.45
CA PRO C 72 -26.90 6.81 -8.89
C PRO C 72 -26.43 8.20 -9.32
N SER C 73 -26.75 9.23 -8.52
CA SER C 73 -26.34 10.60 -8.80
C SER C 73 -24.87 10.85 -8.43
N ALA C 74 -24.39 10.15 -7.42
CA ALA C 74 -23.05 10.38 -6.90
C ALA C 74 -22.05 9.89 -7.93
N LYS C 75 -22.47 8.94 -8.76
CA LYS C 75 -21.57 8.37 -9.74
C LYS C 75 -21.41 9.21 -11.00
N THR C 76 -21.96 10.43 -10.97
CA THR C 76 -22.08 11.20 -12.21
C THR C 76 -21.12 12.37 -12.31
N HIS C 77 -20.72 12.67 -13.53
CA HIS C 77 -20.05 13.94 -13.85
C HIS C 77 -20.69 15.13 -13.14
N PHE C 78 -22.02 15.23 -13.17
CA PHE C 78 -22.69 16.34 -12.47
C PHE C 78 -22.24 16.44 -11.03
N PHE C 79 -22.27 15.33 -10.32
CA PHE C 79 -21.97 15.36 -8.90
C PHE C 79 -20.51 15.71 -8.66
N GLU C 80 -19.63 15.15 -9.48
CA GLU C 80 -18.21 15.49 -9.40
C GLU C 80 -17.96 16.99 -9.62
N ARG C 81 -18.61 17.54 -10.64
CA ARG C 81 -18.44 18.94 -11.01
C ARG C 81 -19.04 19.84 -9.95
N ALA C 82 -20.17 19.40 -9.41
CA ALA C 82 -20.93 20.23 -8.49
C ALA C 82 -20.26 20.26 -7.13
N SER C 83 -19.63 19.16 -6.75
CA SER C 83 -18.92 19.12 -5.49
C SER C 83 -17.67 19.95 -5.63
N ASP C 84 -16.99 19.75 -6.75
CA ASP C 84 -15.79 20.51 -7.06
C ASP C 84 -16.04 22.02 -7.12
N ASP C 85 -17.22 22.46 -7.56
CA ASP C 85 -17.45 23.91 -7.64
C ASP C 85 -17.67 24.52 -6.26
N ILE C 86 -18.04 23.68 -5.30
CA ILE C 86 -18.18 24.13 -3.93
C ILE C 86 -16.81 24.34 -3.31
N ARG C 87 -15.87 23.48 -3.65
CA ARG C 87 -14.48 23.65 -3.23
C ARG C 87 -13.93 24.93 -3.85
N ILE C 88 -14.24 25.14 -5.12
CA ILE C 88 -13.75 26.33 -5.83
C ILE C 88 -14.30 27.61 -5.18
N ARG C 89 -15.57 27.58 -4.80
CA ARG C 89 -16.24 28.76 -4.27
C ARG C 89 -15.70 29.17 -2.90
N SER C 90 -15.37 28.19 -2.07
CA SER C 90 -14.84 28.43 -0.74
C SER C 90 -13.41 29.00 -0.75
N TRP C 91 -12.63 28.53 -1.71
CA TRP C 91 -11.30 29.06 -1.96
C TRP C 91 -11.38 30.55 -2.34
N GLU C 92 -12.23 30.82 -3.32
CA GLU C 92 -12.52 32.18 -3.78
C GLU C 92 -12.99 33.04 -2.61
N LEU C 93 -13.87 32.47 -1.80
CA LEU C 93 -14.56 33.21 -0.74
C LEU C 93 -13.63 33.59 0.41
N MET C 94 -12.86 32.62 0.89
CA MET C 94 -11.93 32.84 2.00
C MET C 94 -10.74 33.65 1.53
N GLY C 95 -10.39 33.50 0.25
CA GLY C 95 -9.33 34.28 -0.35
C GLY C 95 -9.58 35.78 -0.42
N GLN C 96 -10.79 36.19 -0.78
CA GLN C 96 -11.08 37.62 -0.91
C GLN C 96 -11.61 38.21 0.40
N SER C 97 -11.94 37.36 1.37
CA SER C 97 -12.52 37.86 2.61
C SER C 97 -11.47 37.97 3.70
N PHE C 98 -10.38 37.23 3.54
CA PHE C 98 -9.42 37.09 4.62
C PHE C 98 -8.00 37.24 4.10
N VAL C 99 -7.16 37.89 4.90
CA VAL C 99 -5.74 37.89 4.61
C VAL C 99 -5.12 36.98 5.63
N ILE C 100 -4.64 35.85 5.12
CA ILE C 100 -4.18 34.74 5.94
C ILE C 100 -2.69 34.60 5.74
N GLU C 101 -1.91 34.88 6.79
CA GLU C 101 -0.45 34.80 6.71
C GLU C 101 -0.05 33.36 6.47
N GLY C 102 1.04 33.15 5.74
CA GLY C 102 1.59 31.82 5.59
C GLY C 102 2.11 31.31 6.92
N GLN C 103 2.14 29.99 7.06
CA GLN C 103 2.53 29.37 8.33
C GLN C 103 3.67 28.39 8.14
N THR C 104 4.00 28.07 6.89
CA THR C 104 5.03 27.07 6.61
C THR C 104 6.39 27.55 7.13
N ASP C 105 6.59 28.86 7.15
CA ASP C 105 7.80 29.41 7.75
C ASP C 105 7.84 29.09 9.24
N ARG C 106 6.73 29.20 9.96
CA ARG C 106 6.72 28.84 11.38
C ARG C 106 6.83 27.34 11.62
N LEU C 107 6.26 26.54 10.70
CA LEU C 107 6.40 25.10 10.79
C LEU C 107 7.87 24.70 10.67
N ARG C 108 8.57 25.33 9.71
CA ARG C 108 9.99 25.07 9.51
C ARG C 108 10.73 25.32 10.82
N GLU C 109 10.54 26.53 11.36
CA GLU C 109 11.22 26.94 12.58
C GLU C 109 10.85 26.09 13.78
N MET C 110 9.70 25.42 13.71
CA MET C 110 9.25 24.55 14.78
C MET C 110 9.94 23.19 14.67
N GLY C 111 10.49 22.91 13.49
CA GLY C 111 11.17 21.65 13.24
C GLY C 111 10.63 20.80 12.08
N TYR C 112 9.52 21.21 11.48
CA TYR C 112 8.89 20.40 10.44
C TYR C 112 9.64 20.40 9.12
N SER C 113 10.11 19.24 8.69
CA SER C 113 10.88 19.14 7.44
C SER C 113 9.99 19.40 6.24
N VAL C 114 10.59 19.36 5.06
CA VAL C 114 9.86 19.68 3.84
C VAL C 114 8.87 18.57 3.54
N ARG C 115 9.26 17.34 3.85
CA ARG C 115 8.40 16.20 3.59
C ARG C 115 7.21 16.12 4.53
N GLU C 116 7.43 16.44 5.80
CA GLU C 116 6.35 16.48 6.78
C GLU C 116 5.28 17.52 6.37
N ILE C 117 5.74 18.71 6.01
CA ILE C 117 4.81 19.77 5.57
C ILE C 117 4.09 19.29 4.33
N GLY C 118 4.80 18.59 3.44
CA GLY C 118 4.15 17.96 2.30
C GLY C 118 3.07 16.97 2.73
N GLN C 119 3.33 16.20 3.79
CA GLN C 119 2.38 15.19 4.24
C GLN C 119 1.11 15.83 4.80
N ILE C 120 1.32 16.90 5.54
CA ILE C 120 0.21 17.62 6.13
C ILE C 120 -0.74 18.18 5.08
N ARG C 121 -0.15 18.72 4.01
CA ARG C 121 -0.91 19.25 2.89
C ARG C 121 -1.73 18.16 2.22
N ALA C 122 -1.13 16.98 2.10
CA ALA C 122 -1.78 15.85 1.43
C ALA C 122 -3.00 15.38 2.22
N VAL C 123 -2.94 15.49 3.54
CA VAL C 123 -4.06 15.12 4.40
C VAL C 123 -5.14 16.20 4.29
N LEU C 124 -4.74 17.46 4.36
CA LEU C 124 -5.69 18.57 4.12
C LEU C 124 -6.37 18.46 2.77
N ASP C 125 -5.60 18.06 1.77
CA ASP C 125 -6.13 17.86 0.42
C ASP C 125 -7.35 16.95 0.38
N ILE C 126 -7.27 15.84 1.10
CA ILE C 126 -8.31 14.82 1.16
C ILE C 126 -9.68 15.37 1.51
N PHE C 127 -9.71 16.06 2.63
CA PHE C 127 -10.93 16.67 3.13
C PHE C 127 -11.40 17.78 2.22
N ASP C 128 -10.44 18.50 1.66
CA ASP C 128 -10.71 19.59 0.74
C ASP C 128 -11.48 19.00 -0.44
N TYR C 129 -11.12 17.78 -0.86
CA TYR C 129 -11.81 17.17 -1.99
C TYR C 129 -13.13 16.53 -1.54
N GLY C 130 -13.08 15.73 -0.49
CA GLY C 130 -14.26 14.97 -0.10
C GLY C 130 -15.43 15.72 0.53
N ASN C 131 -15.16 16.63 1.46
CA ASN C 131 -16.24 17.27 2.21
C ASN C 131 -17.43 17.88 1.41
N PRO C 132 -17.16 18.53 0.25
CA PRO C 132 -18.34 19.00 -0.49
C PRO C 132 -19.30 17.87 -0.85
N LYS C 133 -18.75 16.71 -1.18
CA LYS C 133 -19.55 15.53 -1.51
C LYS C 133 -20.38 15.07 -0.31
N TYR C 134 -19.81 15.15 0.88
CA TYR C 134 -20.56 14.84 2.09
C TYR C 134 -21.60 15.96 2.39
N LEU C 135 -21.26 17.19 2.06
CA LEU C 135 -22.22 18.31 2.18
C LEU C 135 -23.47 18.05 1.39
N ILE C 136 -23.26 17.70 0.13
CA ILE C 136 -24.38 17.51 -0.77
C ILE C 136 -25.21 16.28 -0.33
N PHE C 137 -24.55 15.18 -0.03
CA PHE C 137 -25.27 14.00 0.43
C PHE C 137 -26.11 14.34 1.67
N ALA C 138 -25.47 14.90 2.69
CA ALA C 138 -26.20 15.33 3.89
C ALA C 138 -27.35 16.28 3.56
N THR C 139 -27.17 17.15 2.57
CA THR C 139 -28.26 18.07 2.23
C THR C 139 -29.47 17.32 1.66
N ALA C 140 -29.20 16.31 0.83
CA ALA C 140 -30.26 15.47 0.26
C ALA C 140 -31.04 14.68 1.34
N ILE C 141 -30.35 14.17 2.35
CA ILE C 141 -31.04 13.42 3.37
C ILE C 141 -31.92 14.35 4.20
N LYS C 142 -31.39 15.51 4.59
CA LYS C 142 -32.14 16.45 5.42
C LYS C 142 -33.38 16.97 4.68
N GLU C 143 -33.18 17.49 3.48
CA GLU C 143 -34.30 18.10 2.74
C GLU C 143 -35.33 17.06 2.35
N GLY C 144 -34.85 15.87 2.00
CA GLY C 144 -35.72 14.78 1.61
C GLY C 144 -36.72 14.47 2.71
N LEU C 145 -36.21 14.47 3.94
CA LEU C 145 -36.96 14.08 5.12
C LEU C 145 -37.89 15.23 5.55
N LEU C 146 -37.33 16.44 5.57
CA LEU C 146 -38.11 17.64 5.92
C LEU C 146 -39.28 17.94 4.96
N SER C 147 -39.13 17.64 3.66
CA SER C 147 -40.09 18.12 2.67
C SER C 147 -40.89 17.05 1.92
N GLY C 148 -40.46 15.80 2.00
CA GLY C 148 -41.14 14.73 1.28
C GLY C 148 -41.03 14.82 -0.23
N ARG C 149 -40.19 15.72 -0.73
CA ARG C 149 -40.12 15.97 -2.16
C ARG C 149 -39.14 15.06 -2.91
N THR C 150 -39.41 14.85 -4.20
CA THR C 150 -38.51 14.15 -5.10
C THR C 150 -37.56 15.19 -5.75
N PHE C 151 -36.25 14.94 -5.69
CA PHE C 151 -35.26 15.95 -6.06
C PHE C 151 -34.48 15.55 -7.31
N GLY C 152 -34.32 16.49 -8.23
CA GLY C 152 -33.59 16.21 -9.45
C GLY C 152 -34.41 15.37 -10.42
N GLY C 153 -33.74 14.70 -11.36
CA GLY C 153 -34.43 13.81 -12.29
C GLY C 153 -34.75 14.34 -13.68
N ALA C 154 -34.65 15.66 -13.89
CA ALA C 154 -34.91 16.22 -15.22
C ALA C 154 -33.79 15.86 -16.20
N ALA C 155 -34.15 15.62 -17.46
CA ALA C 155 -33.22 15.04 -18.43
C ALA C 155 -32.02 15.94 -18.76
N GLY C 156 -32.29 17.17 -19.20
CA GLY C 156 -31.25 18.16 -19.44
C GLY C 156 -30.10 17.70 -20.32
N ASP C 157 -28.92 18.24 -20.04
CA ASP C 157 -27.70 17.88 -20.77
C ASP C 157 -27.30 16.43 -20.50
N ALA C 158 -27.14 15.68 -21.58
CA ALA C 158 -26.79 14.27 -21.56
C ALA C 158 -25.45 14.00 -20.85
N ARG C 159 -24.56 14.98 -20.94
CA ARG C 159 -23.21 14.87 -20.38
C ARG C 159 -23.26 14.78 -18.87
N CYS C 160 -24.27 15.40 -18.27
CA CYS C 160 -24.43 15.39 -16.81
C CYS C 160 -24.57 13.97 -16.26
N HIS C 161 -25.06 13.05 -17.11
CA HIS C 161 -25.30 11.68 -16.68
C HIS C 161 -24.08 10.78 -16.85
N PHE C 162 -23.01 11.32 -17.45
CA PHE C 162 -21.80 10.55 -17.72
C PHE C 162 -21.08 10.12 -16.42
N PRO C 163 -20.20 9.10 -16.50
CA PRO C 163 -19.39 8.69 -15.36
C PRO C 163 -18.45 9.78 -14.90
N ARG C 164 -18.26 9.92 -13.60
CA ARG C 164 -17.47 11.03 -13.08
C ARG C 164 -15.99 10.85 -13.39
N SER C 165 -15.19 11.89 -13.16
CA SER C 165 -13.75 11.80 -13.35
C SER C 165 -13.27 10.62 -12.46
N PRO C 166 -12.68 9.61 -13.10
CA PRO C 166 -12.59 8.21 -12.66
C PRO C 166 -11.43 7.74 -11.78
N ILE C 167 -10.85 8.58 -10.93
CA ILE C 167 -9.72 8.11 -10.09
C ILE C 167 -9.84 8.64 -8.66
N CYS C 168 -9.39 7.86 -7.69
CA CYS C 168 -9.65 8.16 -6.30
C CYS C 168 -8.61 7.62 -5.32
N GLN C 169 -8.51 8.26 -4.15
CA GLN C 169 -7.83 7.64 -3.00
C GLN C 169 -8.84 6.91 -2.11
N ILE C 170 -8.77 5.60 -2.02
CA ILE C 170 -9.73 4.87 -1.19
C ILE C 170 -9.06 4.16 -0.01
N ASP C 171 -7.72 4.17 -0.01
CA ASP C 171 -6.91 3.58 1.05
C ASP C 171 -5.60 4.35 1.14
N PRO C 172 -5.00 4.42 2.35
CA PRO C 172 -5.50 3.86 3.62
C PRO C 172 -6.44 4.86 4.29
N ILE C 173 -7.16 4.41 5.31
CA ILE C 173 -7.93 5.32 6.13
C ILE C 173 -6.93 6.26 6.78
N PRO C 174 -7.14 7.59 6.65
CA PRO C 174 -6.25 8.58 7.25
C PRO C 174 -5.97 8.30 8.72
N VAL C 175 -4.78 8.66 9.19
CA VAL C 175 -4.44 8.48 10.60
C VAL C 175 -5.22 9.51 11.40
N MET C 176 -6.11 9.05 12.26
CA MET C 176 -7.03 9.93 13.00
C MET C 176 -6.96 9.66 14.49
N VAL C 177 -6.52 10.66 15.24
CA VAL C 177 -6.43 10.51 16.69
C VAL C 177 -7.82 10.66 17.33
N GLU C 178 -8.48 9.54 17.63
CA GLU C 178 -9.85 9.60 18.14
C GLU C 178 -9.88 10.17 19.56
N GLU C 179 -11.07 10.42 20.10
CA GLU C 179 -11.16 11.14 21.37
C GLU C 179 -10.72 10.29 22.55
N HIS C 180 -10.79 8.97 22.41
CA HIS C 180 -10.30 8.08 23.45
C HIS C 180 -8.80 7.77 23.24
N HIS C 181 -8.23 8.24 22.14
CA HIS C 181 -6.77 8.16 21.92
C HIS C 181 -6.09 9.32 22.60
N ALA C 182 -6.67 10.50 22.44
CA ALA C 182 -6.08 11.75 22.91
C ALA C 182 -5.67 11.75 24.37
N GLY C 183 -4.59 12.46 24.68
CA GLY C 183 -4.12 12.61 26.04
C GLY C 183 -4.64 13.86 26.72
N GLY C 184 -3.72 14.73 27.14
CA GLY C 184 -4.07 15.88 27.95
C GLY C 184 -4.36 17.16 27.20
N THR C 185 -3.35 17.69 26.52
CA THR C 185 -3.52 18.95 25.79
C THR C 185 -4.50 18.77 24.65
N LEU C 186 -4.41 17.62 23.99
CA LEU C 186 -5.21 17.35 22.81
C LEU C 186 -6.70 17.38 23.18
N SER C 187 -7.05 16.74 24.30
CA SER C 187 -8.43 16.74 24.78
C SER C 187 -8.96 18.16 24.96
N GLN C 188 -8.09 19.09 25.38
CA GLN C 188 -8.49 20.47 25.63
C GLN C 188 -8.55 21.31 24.34
N VAL C 189 -7.74 20.95 23.35
CA VAL C 189 -7.87 21.57 22.03
C VAL C 189 -9.19 21.08 21.41
N TYR C 190 -9.44 19.77 21.52
CA TYR C 190 -10.72 19.20 21.10
C TYR C 190 -11.87 19.89 21.82
N ALA C 191 -11.69 20.17 23.10
CA ALA C 191 -12.71 20.84 23.91
C ALA C 191 -12.98 22.22 23.36
N ASP C 192 -11.90 22.93 23.05
CA ASP C 192 -11.95 24.27 22.47
C ASP C 192 -12.70 24.28 21.15
N ILE C 193 -12.37 23.30 20.29
CA ILE C 193 -13.00 23.17 18.98
C ILE C 193 -14.52 22.96 19.08
N LYS C 194 -14.94 22.11 20.00
CA LYS C 194 -16.36 21.78 20.18
C LYS C 194 -17.23 22.98 20.54
N GLN C 195 -16.78 23.71 21.55
CA GLN C 195 -17.48 24.90 22.02
C GLN C 195 -17.48 26.02 20.97
N THR C 196 -16.33 26.26 20.36
CA THR C 196 -16.18 27.31 19.34
C THR C 196 -17.08 27.08 18.12
N LEU C 197 -17.18 25.82 17.69
CA LEU C 197 -17.96 25.50 16.51
C LEU C 197 -19.38 25.07 16.88
N GLN C 198 -19.64 24.99 18.18
CA GLN C 198 -20.92 24.54 18.73
C GLN C 198 -21.24 23.11 18.29
N LEU C 199 -20.35 22.17 18.59
CA LEU C 199 -20.53 20.78 18.17
C LEU C 199 -20.22 19.82 19.31
N PRO C 200 -21.03 18.75 19.46
CA PRO C 200 -20.74 17.76 20.49
C PRO C 200 -19.84 16.63 19.98
N PHE C 201 -19.08 16.91 18.93
CA PHE C 201 -18.17 15.92 18.37
C PHE C 201 -16.98 16.57 17.63
N ILE C 202 -15.91 15.80 17.43
CA ILE C 202 -14.76 16.26 16.65
C ILE C 202 -14.81 15.67 15.24
N ASN C 203 -14.60 16.53 14.24
CA ASN C 203 -14.60 16.10 12.85
C ASN C 203 -13.36 15.26 12.51
N SER C 204 -13.52 14.44 11.47
CA SER C 204 -12.45 13.61 10.98
C SER C 204 -11.21 14.42 10.70
N ASP C 205 -11.39 15.65 10.20
CA ASP C 205 -10.26 16.43 9.74
C ASP C 205 -9.39 16.95 10.87
N TYR C 206 -9.98 17.37 11.99
CA TYR C 206 -9.14 17.82 13.10
C TYR C 206 -8.37 16.63 13.73
N LYS C 207 -9.00 15.45 13.75
CA LYS C 207 -8.40 14.25 14.31
C LYS C 207 -7.25 13.77 13.41
N ALA C 208 -7.35 14.09 12.12
CA ALA C 208 -6.27 13.79 11.18
C ALA C 208 -5.14 14.78 11.34
N MET C 209 -5.46 16.06 11.45
CA MET C 209 -4.46 17.09 11.69
C MET C 209 -3.77 16.79 13.00
N ALA C 210 -4.50 16.11 13.89
CA ALA C 210 -4.04 15.78 15.22
C ALA C 210 -2.88 14.80 15.27
N ARG C 211 -2.60 14.09 14.18
CA ARG C 211 -1.42 13.21 14.17
C ARG C 211 -0.18 14.06 14.44
N TRP C 212 -0.29 15.33 14.07
CA TRP C 212 0.74 16.33 14.37
C TRP C 212 0.19 17.38 15.35
N PRO C 213 0.15 17.04 16.65
CA PRO C 213 -0.52 17.91 17.63
C PRO C 213 -0.10 19.37 17.60
N SER C 214 1.17 19.67 17.40
CA SER C 214 1.65 21.06 17.37
C SER C 214 1.22 21.77 16.08
N TYR C 215 1.12 21.05 14.97
CA TYR C 215 0.54 21.63 13.77
C TYR C 215 -0.92 22.02 14.00
N LEU C 216 -1.72 21.12 14.59
CA LEU C 216 -3.11 21.42 14.90
C LEU C 216 -3.24 22.62 15.84
N GLU C 217 -2.45 22.64 16.91
CA GLU C 217 -2.37 23.78 17.82
C GLU C 217 -2.22 25.12 17.06
N GLN C 218 -1.39 25.11 16.01
CA GLN C 218 -1.08 26.32 15.26
C GLN C 218 -2.14 26.69 14.20
N ALA C 219 -2.60 25.69 13.45
CA ALA C 219 -3.57 25.91 12.38
C ALA C 219 -4.95 26.27 12.91
N TRP C 220 -5.32 25.69 14.04
CA TRP C 220 -6.61 25.98 14.65
C TRP C 220 -6.59 27.37 15.30
N GLY C 221 -5.47 27.72 15.94
CA GLY C 221 -5.32 29.01 16.57
C GLY C 221 -5.43 30.19 15.61
N ALA C 222 -4.96 29.99 14.38
CA ALA C 222 -5.04 31.00 13.34
C ALA C 222 -6.45 31.10 12.74
N LEU C 223 -7.20 30.01 12.82
CA LEU C 223 -8.54 29.97 12.26
C LEU C 223 -9.54 30.64 13.18
N LYS C 224 -9.50 30.23 14.44
CA LYS C 224 -10.56 30.49 15.42
C LYS C 224 -11.01 31.97 15.50
N PRO C 225 -10.08 32.95 15.42
CA PRO C 225 -10.63 34.33 15.40
C PRO C 225 -11.59 34.60 14.25
N CYS C 226 -11.34 33.98 13.10
CA CYS C 226 -12.16 34.17 11.92
C CYS C 226 -13.56 33.57 12.04
N ILE C 227 -13.70 32.60 12.94
CA ILE C 227 -14.98 31.91 13.11
C ILE C 227 -16.07 32.89 13.54
N ASP C 228 -17.15 32.91 12.80
CA ASP C 228 -18.28 33.77 13.10
C ASP C 228 -17.84 35.23 13.14
N THR C 229 -17.11 35.63 12.11
CA THR C 229 -17.00 37.01 11.72
C THR C 229 -18.13 37.15 10.72
N PRO C 230 -18.53 38.40 10.39
CA PRO C 230 -19.59 38.50 9.38
C PRO C 230 -19.22 37.80 8.08
N ALA C 231 -17.97 37.98 7.65
CA ALA C 231 -17.45 37.39 6.42
C ALA C 231 -17.56 35.86 6.39
N TYR C 232 -17.18 35.22 7.48
CA TYR C 232 -17.34 33.76 7.63
C TYR C 232 -18.78 33.31 7.52
N GLN C 233 -19.58 33.72 8.50
CA GLN C 233 -21.04 33.65 8.41
C GLN C 233 -21.70 33.89 7.08
N ALA C 234 -21.35 34.97 6.38
CA ALA C 234 -21.97 35.20 5.08
C ALA C 234 -21.52 34.17 4.05
N GLY C 235 -20.23 33.84 4.07
CA GLY C 235 -19.69 32.87 3.13
C GLY C 235 -20.28 31.48 3.38
N ARG C 236 -20.52 31.15 4.65
CA ARG C 236 -21.03 29.81 4.97
C ARG C 236 -22.43 29.58 4.41
N PHE C 237 -23.25 30.62 4.41
CA PHE C 237 -24.60 30.57 3.86
C PHE C 237 -24.56 30.28 2.34
N ASP C 238 -23.62 30.93 1.68
CA ASP C 238 -23.43 30.83 0.23
C ASP C 238 -23.11 29.38 -0.17
N ILE C 239 -22.08 28.81 0.46
CA ILE C 239 -21.76 27.38 0.35
C ILE C 239 -22.99 26.53 0.64
N ASN C 240 -23.71 26.89 1.68
CA ASN C 240 -24.92 26.13 1.99
C ASN C 240 -25.96 26.22 0.87
N ALA C 241 -26.09 27.42 0.27
CA ALA C 241 -27.07 27.59 -0.81
C ALA C 241 -26.73 26.75 -2.04
N ARG C 242 -25.44 26.60 -2.31
CA ARG C 242 -25.00 25.90 -3.51
C ARG C 242 -25.22 24.40 -3.35
N ALA C 243 -25.13 23.92 -2.11
CA ALA C 243 -25.48 22.52 -1.86
C ALA C 243 -26.99 22.36 -2.14
N LEU C 244 -27.80 23.26 -1.60
CA LEU C 244 -29.24 23.23 -1.84
C LEU C 244 -29.55 23.29 -3.34
N ALA C 245 -28.72 23.98 -4.12
CA ALA C 245 -28.92 24.04 -5.57
C ALA C 245 -28.41 22.78 -6.29
N ALA C 246 -27.32 22.20 -5.80
CA ALA C 246 -26.87 20.90 -6.29
C ALA C 246 -27.99 19.86 -6.14
N LEU C 247 -28.70 19.95 -5.03
CA LEU C 247 -29.84 19.07 -4.77
C LEU C 247 -30.92 19.13 -5.86
N ASP C 248 -31.30 20.32 -6.33
CA ASP C 248 -32.39 20.40 -7.32
C ASP C 248 -31.94 19.88 -8.71
N ALA C 249 -30.64 19.76 -8.93
CA ALA C 249 -30.13 19.38 -10.25
C ALA C 249 -29.56 17.95 -10.32
N LEU C 250 -29.86 17.10 -9.34
CA LEU C 250 -29.33 15.73 -9.34
C LEU C 250 -29.82 14.96 -10.56
N PRO C 251 -28.88 14.29 -11.26
CA PRO C 251 -29.11 13.65 -12.56
C PRO C 251 -30.22 12.64 -12.47
N THR C 252 -30.18 11.89 -11.37
CA THR C 252 -31.15 10.84 -11.08
C THR C 252 -31.98 11.28 -9.89
N ALA C 253 -33.30 11.16 -10.04
CA ALA C 253 -34.22 11.65 -9.03
C ALA C 253 -33.99 10.97 -7.68
N TYR C 254 -34.10 11.76 -6.62
CA TYR C 254 -33.92 11.29 -5.26
C TYR C 254 -35.15 11.66 -4.44
N ARG C 255 -35.84 10.63 -3.94
CA ARG C 255 -36.84 10.81 -2.91
C ARG C 255 -36.57 9.88 -1.73
N MET C 256 -36.60 10.44 -0.53
CA MET C 256 -36.49 9.66 0.68
C MET C 256 -37.22 10.45 1.75
N SER C 257 -38.54 10.25 1.78
CA SER C 257 -39.42 10.92 2.73
C SER C 257 -39.55 10.19 4.05
N ARG C 258 -40.05 10.91 5.07
CA ARG C 258 -40.42 10.29 6.33
C ARG C 258 -41.23 9.02 6.11
N ASP C 259 -42.16 9.06 5.16
CA ASP C 259 -42.89 7.85 4.79
C ASP C 259 -41.94 6.75 4.30
N ASP C 260 -40.97 7.15 3.50
CA ASP C 260 -39.99 6.21 2.95
C ASP C 260 -39.17 5.60 4.10
N ALA C 261 -38.93 6.41 5.12
CA ALA C 261 -38.09 5.98 6.23
C ALA C 261 -38.86 4.99 7.10
N LEU C 262 -40.19 5.11 7.08
CA LEU C 262 -41.06 4.15 7.76
C LEU C 262 -41.03 2.81 7.04
N GLN C 263 -41.21 2.81 5.73
CA GLN C 263 -41.10 1.60 4.93
C GLN C 263 -39.76 0.89 5.12
N ALA C 264 -38.67 1.65 5.30
CA ALA C 264 -37.35 1.05 5.51
C ALA C 264 -37.26 0.42 6.88
N GLY C 265 -38.12 0.87 7.80
CA GLY C 265 -38.22 0.25 9.11
C GLY C 265 -37.92 1.14 10.29
N LEU C 266 -37.98 2.45 10.11
CA LEU C 266 -37.81 3.37 11.23
C LEU C 266 -39.16 3.63 11.90
N SER C 267 -39.19 3.79 13.22
CA SER C 267 -40.39 4.27 13.89
C SER C 267 -40.58 5.76 13.58
N GLU C 268 -41.67 6.35 14.08
CA GLU C 268 -41.88 7.80 13.97
C GLU C 268 -40.94 8.51 14.92
N ALA C 269 -40.67 7.88 16.06
CA ALA C 269 -39.78 8.42 17.09
C ALA C 269 -38.31 8.55 16.61
N GLN C 270 -37.80 7.50 15.96
CA GLN C 270 -36.45 7.51 15.43
C GLN C 270 -36.31 8.52 14.28
N THR C 271 -37.38 8.69 13.50
CA THR C 271 -37.34 9.59 12.35
C THR C 271 -37.25 11.03 12.83
N ASP C 272 -38.01 11.38 13.87
CA ASP C 272 -37.85 12.68 14.49
C ASP C 272 -36.41 12.85 14.92
N GLU C 273 -35.89 11.83 15.59
CA GLU C 273 -34.52 11.84 16.06
C GLU C 273 -33.53 11.96 14.90
N LEU C 274 -33.77 11.20 13.83
CA LEU C 274 -32.89 11.20 12.67
C LEU C 274 -32.89 12.58 12.01
N ILE C 275 -34.05 13.22 12.02
CA ILE C 275 -34.16 14.57 11.42
C ILE C 275 -33.33 15.58 12.19
N GLN C 276 -33.28 15.47 13.51
CA GLN C 276 -32.42 16.32 14.32
C GLN C 276 -30.92 16.04 14.08
N VAL C 277 -30.54 14.76 14.02
CA VAL C 277 -29.13 14.39 13.81
C VAL C 277 -28.57 14.88 12.46
N ILE C 278 -29.26 14.56 11.36
CA ILE C 278 -28.78 14.97 10.04
C ILE C 278 -28.78 16.50 9.91
N SER C 279 -29.75 17.13 10.57
CA SER C 279 -29.85 18.59 10.55
C SER C 279 -28.63 19.28 11.17
N LEU C 280 -28.04 18.65 12.18
CA LEU C 280 -26.91 19.22 12.89
C LEU C 280 -25.62 18.99 12.12
N PHE C 281 -25.54 17.84 11.46
CA PHE C 281 -24.40 17.58 10.61
C PHE C 281 -24.48 18.43 9.33
N GLN C 282 -25.68 18.51 8.75
CA GLN C 282 -25.94 19.35 7.57
C GLN C 282 -25.44 20.79 7.80
N TRP C 283 -25.83 21.38 8.91
CA TRP C 283 -25.33 22.67 9.31
C TRP C 283 -23.80 22.75 9.45
N MET C 284 -23.23 21.76 10.14
CA MET C 284 -21.81 21.69 10.40
C MET C 284 -20.95 21.67 9.14
N LEU C 285 -21.00 20.72 7.89
CA LEU C 285 -20.24 20.58 6.66
C LEU C 285 -20.16 21.88 5.86
N SER C 286 -21.18 22.83 6.00
CA SER C 286 -20.85 24.11 5.36
C SER C 286 -19.65 24.79 6.04
N GLY C 287 -19.53 24.61 7.34
CA GLY C 287 -18.47 25.24 8.10
C GLY C 287 -17.12 24.58 7.89
N ILE C 288 -17.11 23.25 7.90
CA ILE C 288 -15.83 22.54 7.80
C ILE C 288 -15.18 22.79 6.42
N VAL C 289 -16.02 23.04 5.41
CA VAL C 289 -15.53 23.33 4.06
C VAL C 289 -14.73 24.64 4.03
N LEU C 290 -15.22 25.67 4.74
CA LEU C 290 -14.47 26.93 4.89
C LEU C 290 -13.26 26.74 5.77
N ASN C 291 -13.42 25.88 6.77
CA ASN C 291 -12.39 25.70 7.80
C ASN C 291 -11.14 25.09 7.22
N VAL C 292 -11.28 24.06 6.40
CA VAL C 292 -10.12 23.39 5.85
C VAL C 292 -9.57 24.23 4.70
N THR C 293 -10.42 24.98 4.02
CA THR C 293 -9.96 25.92 3.01
C THR C 293 -8.95 26.88 3.64
N HIS C 294 -9.27 27.37 4.83
CA HIS C 294 -8.36 28.23 5.59
C HIS C 294 -7.03 27.56 5.91
N PHE C 295 -7.04 26.41 6.59
CA PHE C 295 -5.83 25.63 6.87
C PHE C 295 -4.96 25.53 5.65
N LYS C 296 -5.61 25.18 4.53
CA LYS C 296 -4.90 24.87 3.29
C LYS C 296 -4.26 26.13 2.71
N GLN C 297 -4.92 27.27 2.89
CA GLN C 297 -4.35 28.52 2.44
C GLN C 297 -3.24 28.95 3.40
N GLN C 298 -3.41 28.61 4.68
CA GLN C 298 -2.32 28.83 5.65
C GLN C 298 -1.05 28.10 5.23
N ALA C 299 -1.24 27.01 4.48
CA ALA C 299 -0.16 26.04 4.25
C ALA C 299 0.44 26.06 2.85
N LEU C 300 -0.06 26.94 1.98
CA LEU C 300 0.46 27.13 0.63
C LEU C 300 1.98 27.26 0.54
N HIS D 9 22.23 -8.64 41.82
CA HIS D 9 22.93 -7.36 41.95
C HIS D 9 23.87 -7.07 40.77
N LEU D 10 23.66 -7.80 39.67
CA LEU D 10 24.42 -7.59 38.42
C LEU D 10 23.84 -6.46 37.56
N GLN D 11 24.71 -5.69 36.91
CA GLN D 11 24.21 -4.62 36.05
C GLN D 11 25.16 -4.12 34.97
N LEU D 12 24.55 -3.55 33.93
CA LEU D 12 25.24 -2.99 32.78
C LEU D 12 25.67 -1.59 33.13
N PRO D 13 26.98 -1.31 33.04
CA PRO D 13 27.44 0.04 33.35
C PRO D 13 27.02 0.99 32.24
N ARG D 14 26.28 2.05 32.57
CA ARG D 14 25.95 3.06 31.58
C ARG D 14 27.21 3.83 31.19
N PRO D 15 27.50 3.91 29.89
CA PRO D 15 28.68 4.70 29.52
C PRO D 15 28.45 6.19 29.71
N VAL D 16 29.52 6.96 29.80
CA VAL D 16 29.40 8.42 29.80
C VAL D 16 29.46 8.92 28.36
N CYS D 17 28.41 9.58 27.91
CA CYS D 17 28.41 10.20 26.60
C CYS D 17 28.19 11.71 26.75
N GLU D 18 29.27 12.46 26.64
CA GLU D 18 29.22 13.92 26.60
C GLU D 18 28.87 14.34 25.18
N ALA D 19 29.12 13.41 24.26
CA ALA D 19 28.99 13.67 22.83
C ALA D 19 27.56 13.97 22.39
N ILE D 20 27.44 14.96 21.51
CA ILE D 20 26.15 15.34 20.95
C ILE D 20 25.75 14.32 19.88
N ILE D 21 24.51 13.83 19.97
CA ILE D 21 23.97 12.93 18.96
C ILE D 21 23.23 13.76 17.90
N ARG D 22 23.46 13.42 16.63
CA ARG D 22 22.92 14.23 15.56
C ARG D 22 22.20 13.38 14.53
N PRO D 23 21.04 12.81 14.93
CA PRO D 23 20.33 11.84 14.09
C PRO D 23 19.83 12.45 12.79
N VAL D 24 20.02 11.74 11.68
CA VAL D 24 19.40 12.09 10.41
C VAL D 24 18.14 11.23 10.24
N PRO D 25 16.94 11.81 10.52
CA PRO D 25 15.73 10.99 10.43
C PRO D 25 15.31 10.80 8.98
N GLU D 26 14.49 9.78 8.71
CA GLU D 26 14.18 9.41 7.33
C GLU D 26 13.53 10.57 6.54
N HIS D 27 12.87 11.48 7.23
CA HIS D 27 12.13 12.54 6.54
C HIS D 27 13.01 13.76 6.21
N ARG D 28 14.30 13.72 6.55
CA ARG D 28 15.25 14.76 6.15
C ARG D 28 16.40 14.19 5.34
N ALA D 29 16.53 12.87 5.34
CA ALA D 29 17.60 12.17 4.60
C ALA D 29 17.64 12.54 3.12
N ASP D 30 18.85 12.79 2.60
CA ASP D 30 19.00 13.12 1.18
C ASP D 30 18.96 11.87 0.34
N GLN D 31 19.07 12.01 -0.98
CA GLN D 31 18.86 10.88 -1.88
C GLN D 31 19.87 9.77 -1.68
N GLU D 32 21.14 10.15 -1.60
CA GLU D 32 22.22 9.19 -1.41
C GLU D 32 22.04 8.37 -0.13
N LEU D 33 21.68 9.05 0.95
CA LEU D 33 21.57 8.42 2.25
C LEU D 33 20.28 7.60 2.34
N SER D 34 19.22 8.05 1.69
CA SER D 34 17.99 7.28 1.62
C SER D 34 18.26 5.96 0.93
N GLU D 35 19.19 5.97 -0.02
CA GLU D 35 19.50 4.75 -0.75
C GLU D 35 20.14 3.74 0.22
N ILE D 36 20.92 4.25 1.17
CA ILE D 36 21.56 3.33 2.11
C ILE D 36 20.54 2.90 3.16
N TYR D 37 19.74 3.85 3.63
CA TYR D 37 18.61 3.56 4.52
C TYR D 37 17.74 2.48 3.96
N ARG D 38 17.40 2.61 2.68
CA ARG D 38 16.56 1.61 2.02
C ARG D 38 17.17 0.21 2.12
N ASP D 39 18.44 0.08 1.74
CA ASP D 39 19.13 -1.20 1.72
C ASP D 39 19.19 -1.81 3.11
N LEU D 40 19.37 -0.95 4.11
CA LEU D 40 19.35 -1.36 5.51
C LEU D 40 18.00 -1.96 5.87
N LYS D 41 16.92 -1.32 5.42
CA LYS D 41 15.58 -1.79 5.74
C LYS D 41 15.25 -3.08 5.01
N ALA D 42 15.71 -3.18 3.77
CA ALA D 42 15.41 -4.38 2.98
C ALA D 42 16.13 -5.61 3.51
N THR D 43 17.35 -5.40 4.02
CA THR D 43 18.17 -6.51 4.55
C THR D 43 17.73 -6.95 5.93
N PHE D 44 17.62 -5.99 6.84
CA PHE D 44 17.00 -6.24 8.14
C PHE D 44 15.57 -6.74 7.97
N GLY D 45 14.87 -6.25 6.94
CA GLY D 45 13.48 -6.65 6.77
C GLY D 45 12.56 -6.01 7.78
N VAL D 46 12.91 -4.79 8.17
CA VAL D 46 12.11 -3.94 9.04
C VAL D 46 11.70 -2.64 8.31
N PRO D 47 10.58 -2.01 8.70
CA PRO D 47 10.05 -0.80 8.03
C PRO D 47 10.54 0.57 8.54
N TRP D 48 11.57 0.58 9.38
CA TRP D 48 12.02 1.79 10.06
C TRP D 48 13.54 1.83 10.20
N VAL D 49 14.11 3.02 10.10
CA VAL D 49 15.53 3.22 10.37
C VAL D 49 15.67 3.60 11.84
N GLY D 50 16.47 2.83 12.59
CA GLY D 50 16.64 3.11 14.00
C GLY D 50 17.33 4.42 14.28
N VAL D 51 17.06 4.96 15.46
CA VAL D 51 17.75 6.18 15.89
C VAL D 51 19.24 5.90 15.97
N ILE D 52 19.59 4.69 16.45
CA ILE D 52 20.95 4.19 16.38
C ILE D 52 21.60 4.41 15.02
N THR D 53 20.93 3.97 13.95
CA THR D 53 21.54 4.08 12.64
C THR D 53 21.44 5.53 12.11
N GLN D 54 20.52 6.30 12.66
CA GLN D 54 20.37 7.70 12.28
C GLN D 54 21.51 8.53 12.83
N ALA D 55 22.07 8.08 13.95
CA ALA D 55 23.09 8.87 14.62
C ALA D 55 24.44 8.51 14.05
N VAL D 56 24.65 7.23 13.79
CA VAL D 56 25.88 6.80 13.14
C VAL D 56 25.92 7.41 11.72
N ALA D 57 24.76 7.61 11.10
CA ALA D 57 24.68 8.03 9.70
C ALA D 57 25.20 9.45 9.50
N TYR D 58 25.16 10.22 10.58
CA TYR D 58 25.79 11.52 10.63
C TYR D 58 27.26 11.46 10.21
N TYR D 59 28.04 10.57 10.83
CA TYR D 59 29.42 10.32 10.43
C TYR D 59 29.38 9.49 9.14
N ARG D 60 28.93 10.11 8.06
CA ARG D 60 28.42 9.33 6.91
C ARG D 60 29.39 8.39 6.23
N PRO D 61 30.63 8.82 5.91
CA PRO D 61 31.44 7.79 5.25
C PRO D 61 31.74 6.57 6.14
N PHE D 62 31.73 6.70 7.46
CA PHE D 62 31.97 5.53 8.33
C PHE D 62 30.73 4.61 8.34
N PHE D 63 29.56 5.23 8.48
CA PHE D 63 28.28 4.53 8.40
C PHE D 63 28.18 3.71 7.12
N ALA D 64 28.51 4.36 6.03
CA ALA D 64 28.43 3.72 4.72
C ALA D 64 29.31 2.49 4.71
N GLU D 65 30.45 2.57 5.38
CA GLU D 65 31.44 1.54 5.27
C GLU D 65 31.20 0.41 6.31
N ALA D 66 30.78 0.79 7.52
CA ALA D 66 30.43 -0.23 8.50
C ALA D 66 29.26 -1.04 7.99
N TRP D 67 28.37 -0.41 7.23
CA TRP D 67 27.21 -1.15 6.73
C TRP D 67 27.58 -2.12 5.59
N ARG D 68 28.46 -1.73 4.65
CA ARG D 68 28.82 -2.66 3.57
C ARG D 68 29.51 -3.90 4.13
N ARG D 69 30.22 -3.73 5.24
CA ARG D 69 31.01 -4.84 5.79
C ARG D 69 30.14 -5.76 6.62
N PHE D 70 29.10 -5.19 7.22
CA PHE D 70 28.28 -5.93 8.13
C PHE D 70 27.16 -6.63 7.40
N ALA D 71 26.68 -5.99 6.33
CA ALA D 71 25.57 -6.50 5.54
C ALA D 71 25.72 -7.96 5.08
N PRO D 72 26.95 -8.40 4.73
CA PRO D 72 27.05 -9.82 4.37
C PRO D 72 26.59 -10.79 5.46
N SER D 73 26.92 -10.50 6.72
CA SER D 73 26.45 -11.30 7.84
C SER D 73 24.93 -11.12 8.07
N ALA D 74 24.43 -9.92 7.82
CA ALA D 74 23.04 -9.60 8.10
C ALA D 74 22.11 -10.41 7.20
N LYS D 75 22.60 -10.82 6.02
CA LYS D 75 21.73 -11.52 5.08
C LYS D 75 21.58 -13.01 5.36
N THR D 76 22.22 -13.47 6.43
CA THR D 76 22.38 -14.90 6.67
C THR D 76 21.36 -15.51 7.62
N HIS D 77 21.05 -16.77 7.38
CA HIS D 77 20.36 -17.62 8.34
C HIS D 77 20.89 -17.41 9.78
N PHE D 78 22.21 -17.41 9.95
CA PHE D 78 22.79 -17.18 11.27
C PHE D 78 22.24 -15.91 11.91
N PHE D 79 22.25 -14.82 11.16
CA PHE D 79 21.87 -13.54 11.75
C PHE D 79 20.39 -13.46 12.08
N GLU D 80 19.55 -13.99 11.19
CA GLU D 80 18.11 -14.10 11.49
C GLU D 80 17.82 -14.91 12.78
N ARG D 81 18.53 -16.02 12.97
CA ARG D 81 18.27 -16.91 14.11
C ARG D 81 18.82 -16.29 15.39
N ALA D 82 19.96 -15.61 15.24
CA ALA D 82 20.63 -15.02 16.40
C ALA D 82 19.83 -13.86 16.95
N SER D 83 19.26 -13.05 16.06
CA SER D 83 18.42 -11.94 16.45
C SER D 83 17.14 -12.51 17.04
N ASP D 84 16.56 -13.46 16.34
CA ASP D 84 15.33 -14.07 16.81
C ASP D 84 15.56 -14.80 18.15
N ASP D 85 16.78 -15.28 18.41
CA ASP D 85 16.98 -15.97 19.68
C ASP D 85 17.07 -14.98 20.85
N ILE D 86 17.38 -13.72 20.55
CA ILE D 86 17.39 -12.67 21.54
C ILE D 86 15.96 -12.21 21.89
N ARG D 87 15.08 -12.22 20.90
CA ARG D 87 13.67 -11.94 21.14
C ARG D 87 13.09 -13.02 22.07
N ILE D 88 13.44 -14.27 21.81
CA ILE D 88 12.97 -15.36 22.68
C ILE D 88 13.44 -15.19 24.12
N ARG D 89 14.72 -14.88 24.32
CA ARG D 89 15.28 -14.75 25.67
C ARG D 89 14.63 -13.66 26.51
N SER D 90 14.40 -12.52 25.89
CA SER D 90 13.71 -11.41 26.54
C SER D 90 12.29 -11.75 26.97
N TRP D 91 11.58 -12.46 26.10
CA TRP D 91 10.25 -12.99 26.40
C TRP D 91 10.28 -13.96 27.59
N GLU D 92 11.30 -14.81 27.58
CA GLU D 92 11.50 -15.79 28.65
C GLU D 92 11.82 -15.06 29.94
N LEU D 93 12.82 -14.18 29.87
CA LEU D 93 13.29 -13.40 31.01
C LEU D 93 12.23 -12.55 31.71
N MET D 94 11.47 -11.78 30.93
CA MET D 94 10.44 -10.91 31.47
C MET D 94 9.29 -11.74 32.00
N GLY D 95 8.99 -12.83 31.30
CA GLY D 95 7.95 -13.74 31.74
C GLY D 95 8.22 -14.43 33.07
N GLN D 96 9.49 -14.65 33.40
CA GLN D 96 9.81 -15.36 34.64
C GLN D 96 10.13 -14.40 35.78
N SER D 97 10.52 -13.18 35.43
CA SER D 97 10.95 -12.24 36.46
C SER D 97 9.80 -11.34 36.88
N PHE D 98 8.77 -11.27 36.05
CA PHE D 98 7.73 -10.29 36.27
C PHE D 98 6.33 -10.88 36.17
N VAL D 99 5.48 -10.45 37.09
CA VAL D 99 4.06 -10.74 37.04
C VAL D 99 3.41 -9.58 36.32
N ILE D 100 3.09 -9.76 35.05
CA ILE D 100 2.55 -8.65 34.27
C ILE D 100 1.04 -8.73 34.04
N GLU D 101 0.35 -7.73 34.58
CA GLU D 101 -1.11 -7.64 34.52
C GLU D 101 -1.57 -7.37 33.09
N GLY D 102 -2.63 -8.04 32.66
CA GLY D 102 -3.19 -7.80 31.34
C GLY D 102 -3.84 -6.44 31.29
N GLN D 103 -3.65 -5.72 30.19
CA GLN D 103 -4.21 -4.36 30.04
C GLN D 103 -5.27 -4.20 28.95
N THR D 104 -5.56 -5.25 28.18
CA THR D 104 -6.52 -5.13 27.09
C THR D 104 -7.96 -4.87 27.59
N ASP D 105 -8.31 -5.43 28.74
CA ASP D 105 -9.61 -5.10 29.32
C ASP D 105 -9.67 -3.63 29.69
N ARG D 106 -8.58 -3.08 30.22
CA ARG D 106 -8.59 -1.66 30.59
C ARG D 106 -8.56 -0.79 29.31
N LEU D 107 -7.89 -1.27 28.26
CA LEU D 107 -7.94 -0.58 26.97
C LEU D 107 -9.37 -0.55 26.45
N ARG D 108 -10.06 -1.68 26.56
CA ARG D 108 -11.42 -1.78 26.10
C ARG D 108 -12.30 -0.73 26.79
N GLU D 109 -12.19 -0.68 28.11
CA GLU D 109 -12.99 0.23 28.91
C GLU D 109 -12.65 1.71 28.69
N MET D 110 -11.48 1.97 28.12
CA MET D 110 -11.10 3.31 27.74
C MET D 110 -11.74 3.75 26.42
N GLY D 111 -12.17 2.79 25.62
CA GLY D 111 -12.81 3.08 24.35
C GLY D 111 -12.24 2.32 23.17
N TYR D 112 -11.10 1.68 23.39
CA TYR D 112 -10.39 1.00 22.29
C TYR D 112 -11.16 -0.21 21.81
N SER D 113 -11.39 -0.27 20.50
CA SER D 113 -12.03 -1.42 19.88
C SER D 113 -11.06 -2.55 19.64
N VAL D 114 -11.59 -3.65 19.09
CA VAL D 114 -10.81 -4.86 18.86
C VAL D 114 -9.77 -4.61 17.77
N ARG D 115 -10.18 -3.92 16.72
CA ARG D 115 -9.27 -3.67 15.61
C ARG D 115 -8.13 -2.76 16.04
N GLU D 116 -8.47 -1.71 16.77
CA GLU D 116 -7.50 -0.76 17.29
C GLU D 116 -6.44 -1.44 18.15
N ILE D 117 -6.90 -2.24 19.12
CA ILE D 117 -5.98 -2.98 20.00
C ILE D 117 -5.10 -3.88 19.16
N GLY D 118 -5.71 -4.48 18.12
CA GLY D 118 -4.94 -5.20 17.13
C GLY D 118 -3.88 -4.36 16.41
N GLN D 119 -4.19 -3.10 16.11
CA GLN D 119 -3.22 -2.24 15.43
C GLN D 119 -2.06 -1.94 16.37
N ILE D 120 -2.39 -1.82 17.64
CA ILE D 120 -1.39 -1.51 18.64
C ILE D 120 -0.40 -2.65 18.74
N ARG D 121 -0.92 -3.88 18.70
CA ARG D 121 -0.07 -5.08 18.79
C ARG D 121 0.83 -5.22 17.57
N ALA D 122 0.30 -4.88 16.40
CA ALA D 122 1.04 -4.96 15.13
C ALA D 122 2.26 -4.06 15.14
N VAL D 123 2.07 -2.84 15.63
CA VAL D 123 3.19 -1.88 15.74
C VAL D 123 4.24 -2.46 16.70
N LEU D 124 3.80 -2.95 17.86
CA LEU D 124 4.71 -3.54 18.86
C LEU D 124 5.52 -4.68 18.27
N ASP D 125 4.86 -5.51 17.47
CA ASP D 125 5.50 -6.62 16.79
C ASP D 125 6.70 -6.20 15.95
N ILE D 126 6.57 -5.05 15.30
CA ILE D 126 7.61 -4.50 14.43
C ILE D 126 8.92 -4.31 15.17
N PHE D 127 8.82 -3.72 16.34
CA PHE D 127 9.99 -3.47 17.15
C PHE D 127 10.43 -4.72 17.90
N ASP D 128 9.47 -5.57 18.27
CA ASP D 128 9.79 -6.85 18.91
C ASP D 128 10.64 -7.66 17.92
N TYR D 129 10.38 -7.51 16.63
CA TYR D 129 11.17 -8.24 15.62
C TYR D 129 12.48 -7.53 15.32
N GLY D 130 12.42 -6.22 15.14
CA GLY D 130 13.56 -5.50 14.60
C GLY D 130 14.70 -5.22 15.56
N ASN D 131 14.37 -4.75 16.75
CA ASN D 131 15.38 -4.25 17.69
C ASN D 131 16.60 -5.16 18.00
N PRO D 132 16.40 -6.49 18.13
CA PRO D 132 17.59 -7.30 18.38
C PRO D 132 18.61 -7.16 17.26
N LYS D 133 18.12 -6.92 16.05
CA LYS D 133 18.97 -6.77 14.87
C LYS D 133 19.82 -5.51 14.95
N TYR D 134 19.22 -4.42 15.40
CA TYR D 134 19.93 -3.18 15.66
C TYR D 134 20.90 -3.33 16.85
N LEU D 135 20.49 -4.12 17.85
CA LEU D 135 21.33 -4.35 19.03
C LEU D 135 22.64 -4.98 18.58
N ILE D 136 22.52 -6.00 17.74
CA ILE D 136 23.69 -6.71 17.24
C ILE D 136 24.56 -5.84 16.33
N PHE D 137 23.92 -5.05 15.46
CA PHE D 137 24.66 -4.14 14.62
C PHE D 137 25.42 -3.13 15.47
N ALA D 138 24.72 -2.48 16.39
CA ALA D 138 25.36 -1.52 17.29
C ALA D 138 26.53 -2.15 18.07
N THR D 139 26.35 -3.38 18.52
CA THR D 139 27.40 -4.08 19.27
C THR D 139 28.64 -4.28 18.44
N ALA D 140 28.44 -4.68 17.19
CA ALA D 140 29.53 -4.83 16.22
C ALA D 140 30.30 -3.53 15.96
N ILE D 141 29.58 -2.44 15.77
CA ILE D 141 30.22 -1.15 15.49
C ILE D 141 31.03 -0.70 16.70
N LYS D 142 30.45 -0.83 17.88
CA LYS D 142 31.12 -0.44 19.13
C LYS D 142 32.37 -1.27 19.42
N GLU D 143 32.23 -2.58 19.29
CA GLU D 143 33.35 -3.45 19.67
C GLU D 143 34.46 -3.36 18.63
N GLY D 144 34.06 -3.27 17.37
CA GLY D 144 35.03 -3.16 16.29
C GLY D 144 35.96 -1.98 16.51
N LEU D 145 35.38 -0.89 17.03
CA LEU D 145 36.06 0.39 17.23
C LEU D 145 36.84 0.40 18.52
N LEU D 146 36.27 -0.19 19.56
CA LEU D 146 36.94 -0.26 20.86
C LEU D 146 38.16 -1.18 20.84
N SER D 147 38.12 -2.22 20.01
CA SER D 147 39.08 -3.33 20.13
C SER D 147 39.95 -3.54 18.90
N GLY D 148 39.50 -3.05 17.74
CA GLY D 148 40.26 -3.24 16.52
C GLY D 148 40.22 -4.64 15.96
N ARG D 149 39.37 -5.52 16.51
CA ARG D 149 39.39 -6.92 16.12
C ARG D 149 38.56 -7.24 14.89
N THR D 150 38.96 -8.29 14.18
CA THR D 150 38.15 -8.92 13.12
C THR D 150 37.22 -9.95 13.77
N PHE D 151 35.91 -9.80 13.60
CA PHE D 151 34.94 -10.62 14.33
C PHE D 151 34.26 -11.66 13.45
N GLY D 152 34.15 -12.90 13.91
CA GLY D 152 33.46 -13.94 13.15
C GLY D 152 34.27 -14.44 11.96
N GLY D 153 33.57 -14.99 10.96
CA GLY D 153 34.23 -15.45 9.75
C GLY D 153 34.76 -16.88 9.78
N ALA D 154 34.46 -17.63 10.83
CA ALA D 154 34.82 -19.04 10.87
C ALA D 154 33.90 -19.85 9.95
N ALA D 155 34.44 -20.90 9.34
CA ALA D 155 33.72 -21.68 8.33
C ALA D 155 32.50 -22.41 8.91
N GLY D 156 32.74 -23.31 9.87
CA GLY D 156 31.66 -23.95 10.63
C GLY D 156 30.59 -24.65 9.80
N ASP D 157 29.39 -24.69 10.34
CA ASP D 157 28.24 -25.27 9.67
C ASP D 157 27.83 -24.41 8.47
N ALA D 158 27.68 -25.06 7.32
CA ALA D 158 27.44 -24.42 6.05
C ALA D 158 26.10 -23.67 6.02
N ARG D 159 25.14 -24.16 6.81
CA ARG D 159 23.79 -23.59 6.90
C ARG D 159 23.77 -22.19 7.47
N CYS D 160 24.74 -21.86 8.31
CA CYS D 160 24.81 -20.52 8.89
C CYS D 160 24.97 -19.45 7.80
N HIS D 161 25.54 -19.84 6.66
CA HIS D 161 25.76 -18.91 5.55
C HIS D 161 24.57 -18.87 4.58
N PHE D 162 23.55 -19.71 4.81
CA PHE D 162 22.40 -19.75 3.92
C PHE D 162 21.62 -18.43 3.98
N PRO D 163 20.83 -18.13 2.94
CA PRO D 163 19.95 -16.96 2.97
C PRO D 163 19.01 -17.00 4.18
N ARG D 164 18.72 -15.84 4.76
CA ARG D 164 17.89 -15.78 5.96
C ARG D 164 16.41 -15.95 5.61
N SER D 165 15.56 -16.14 6.62
CA SER D 165 14.12 -16.23 6.39
C SER D 165 13.67 -15.01 5.59
N PRO D 166 13.21 -15.26 4.34
CA PRO D 166 13.08 -14.32 3.20
C PRO D 166 11.94 -13.29 3.11
N ILE D 167 10.89 -13.27 3.93
CA ILE D 167 9.93 -12.19 3.71
C ILE D 167 9.88 -11.22 4.89
N CYS D 168 9.49 -9.97 4.59
CA CYS D 168 9.72 -8.81 5.46
C CYS D 168 8.71 -7.69 5.29
N GLN D 169 8.53 -6.82 6.30
CA GLN D 169 7.75 -5.58 6.06
C GLN D 169 8.63 -4.32 5.99
N ILE D 170 8.62 -3.61 4.88
CA ILE D 170 9.51 -2.45 4.69
C ILE D 170 8.70 -1.16 4.56
N ASP D 171 7.44 -1.32 4.17
CA ASP D 171 6.54 -0.20 3.98
C ASP D 171 5.18 -0.45 4.65
N PRO D 172 4.55 0.61 5.19
CA PRO D 172 5.12 1.96 5.21
C PRO D 172 5.97 2.17 6.46
N ILE D 173 6.63 3.32 6.56
CA ILE D 173 7.30 3.71 7.78
C ILE D 173 6.27 3.89 8.88
N PRO D 174 6.54 3.31 10.07
CA PRO D 174 5.65 3.47 11.22
C PRO D 174 5.29 4.94 11.46
N VAL D 175 4.03 5.20 11.78
CA VAL D 175 3.58 6.53 12.17
C VAL D 175 4.17 6.85 13.52
N MET D 176 5.03 7.87 13.56
CA MET D 176 5.81 8.24 14.74
C MET D 176 5.61 9.69 15.10
N VAL D 177 5.12 9.97 16.30
CA VAL D 177 4.95 11.35 16.73
C VAL D 177 6.31 11.94 17.19
N GLU D 178 7.00 12.67 16.31
CA GLU D 178 8.34 13.21 16.63
C GLU D 178 8.26 14.26 17.74
N GLU D 179 9.38 14.60 18.35
CA GLU D 179 9.37 15.49 19.51
C GLU D 179 8.82 16.87 19.17
N HIS D 180 8.99 17.29 17.93
CA HIS D 180 8.47 18.60 17.54
C HIS D 180 6.99 18.51 17.09
N HIS D 181 6.45 17.30 17.00
CA HIS D 181 5.01 17.11 16.74
C HIS D 181 4.24 17.23 18.04
N ALA D 182 4.86 16.81 19.14
CA ALA D 182 4.15 16.64 20.40
C ALA D 182 3.61 17.96 20.95
N GLY D 183 2.40 17.87 21.52
CA GLY D 183 1.81 18.97 22.27
C GLY D 183 2.33 18.93 23.69
N GLY D 184 1.71 19.68 24.59
CA GLY D 184 2.20 19.82 25.96
C GLY D 184 2.42 18.53 26.75
N THR D 185 1.35 17.77 26.95
CA THR D 185 1.43 16.63 27.87
C THR D 185 2.22 15.46 27.29
N LEU D 186 2.21 15.32 25.96
CA LEU D 186 3.00 14.25 25.35
C LEU D 186 4.47 14.62 25.52
N SER D 187 4.75 15.93 25.53
CA SER D 187 6.11 16.40 25.81
C SER D 187 6.52 16.13 27.26
N GLN D 188 5.54 15.93 28.14
CA GLN D 188 5.85 15.65 29.54
C GLN D 188 6.11 14.16 29.76
N VAL D 189 5.37 13.31 29.05
CA VAL D 189 5.63 11.87 29.07
C VAL D 189 6.99 11.54 28.42
N TYR D 190 7.33 12.29 27.37
CA TYR D 190 8.64 12.16 26.74
C TYR D 190 9.74 12.54 27.70
N ALA D 191 9.47 13.55 28.52
CA ALA D 191 10.44 14.00 29.51
C ALA D 191 10.66 12.92 30.55
N ASP D 192 9.56 12.31 31.00
CA ASP D 192 9.58 11.24 31.99
C ASP D 192 10.45 10.09 31.51
N ILE D 193 10.08 9.51 30.36
CA ILE D 193 10.86 8.46 29.71
C ILE D 193 12.37 8.72 29.64
N LYS D 194 12.74 9.91 29.17
CA LYS D 194 14.15 10.31 29.02
C LYS D 194 14.94 10.19 30.31
N GLN D 195 14.41 10.78 31.38
CA GLN D 195 15.06 10.74 32.68
C GLN D 195 15.14 9.32 33.27
N THR D 196 14.05 8.57 33.22
CA THR D 196 14.05 7.22 33.81
C THR D 196 14.95 6.25 33.05
N LEU D 197 14.97 6.36 31.72
CA LEU D 197 15.81 5.51 30.89
C LEU D 197 17.22 6.08 30.76
N GLN D 198 17.37 7.34 31.20
CA GLN D 198 18.64 8.06 31.13
C GLN D 198 19.10 8.24 29.69
N LEU D 199 18.30 8.95 28.90
CA LEU D 199 18.60 9.13 27.48
C LEU D 199 18.26 10.54 27.03
N PRO D 200 19.10 11.13 26.14
CA PRO D 200 18.82 12.46 25.60
C PRO D 200 17.96 12.42 24.33
N PHE D 201 17.22 11.32 24.14
CA PHE D 201 16.40 11.14 22.94
C PHE D 201 15.22 10.17 23.15
N ILE D 202 14.25 10.22 22.23
CA ILE D 202 13.10 9.31 22.28
C ILE D 202 13.20 8.26 21.20
N ASN D 203 13.14 7.04 21.65
CA ASN D 203 13.18 5.90 20.79
C ASN D 203 12.02 5.86 19.85
N SER D 204 12.25 5.22 18.72
CA SER D 204 11.24 5.13 17.67
C SER D 204 9.97 4.46 18.17
N ASP D 205 10.19 3.48 19.06
CA ASP D 205 9.18 2.69 19.72
C ASP D 205 8.12 3.48 20.48
N TYR D 206 8.55 4.37 21.37
CA TYR D 206 7.62 5.23 22.11
C TYR D 206 6.89 6.21 21.17
N LYS D 207 7.60 6.79 20.22
CA LYS D 207 6.97 7.71 19.27
C LYS D 207 5.91 7.00 18.44
N ALA D 208 6.12 5.72 18.15
CA ALA D 208 5.14 4.96 17.39
C ALA D 208 3.92 4.64 18.24
N MET D 209 4.16 4.23 19.48
CA MET D 209 3.08 3.96 20.42
C MET D 209 2.32 5.23 20.71
N ALA D 210 3.00 6.35 20.50
CA ALA D 210 2.45 7.67 20.81
C ALA D 210 1.32 8.09 19.87
N ARG D 211 1.15 7.38 18.76
CA ARG D 211 -0.02 7.58 17.87
C ARG D 211 -1.31 7.51 18.69
N TRP D 212 -1.27 6.67 19.73
CA TRP D 212 -2.36 6.58 20.70
C TRP D 212 -1.85 7.10 22.05
N PRO D 213 -1.87 8.44 22.26
CA PRO D 213 -1.28 9.00 23.49
C PRO D 213 -1.75 8.34 24.78
N SER D 214 -3.04 8.05 24.90
CA SER D 214 -3.59 7.41 26.10
C SER D 214 -3.10 5.97 26.32
N TYR D 215 -2.92 5.21 25.24
CA TYR D 215 -2.33 3.87 25.36
C TYR D 215 -0.89 3.91 25.85
N LEU D 216 -0.12 4.88 25.34
CA LEU D 216 1.26 5.04 25.75
C LEU D 216 1.31 5.43 27.22
N GLU D 217 0.46 6.39 27.60
CA GLU D 217 0.34 6.81 29.00
C GLU D 217 0.21 5.57 29.88
N GLN D 218 -0.60 4.61 29.44
CA GLN D 218 -0.86 3.36 30.17
C GLN D 218 0.30 2.35 30.17
N ALA D 219 0.77 1.97 28.99
CA ALA D 219 1.79 0.94 28.85
C ALA D 219 3.14 1.37 29.43
N TRP D 220 3.46 2.64 29.32
CA TRP D 220 4.67 3.16 29.93
C TRP D 220 4.55 3.19 31.46
N GLY D 221 3.42 3.67 31.96
CA GLY D 221 3.17 3.74 33.39
C GLY D 221 3.22 2.40 34.12
N ALA D 222 2.89 1.32 33.41
CA ALA D 222 2.95 -0.02 33.97
C ALA D 222 4.37 -0.59 33.89
N LEU D 223 5.14 -0.13 32.92
CA LEU D 223 6.52 -0.57 32.74
C LEU D 223 7.46 0.10 33.74
N LYS D 224 7.30 1.41 33.87
CA LYS D 224 8.22 2.26 34.64
C LYS D 224 8.65 1.74 36.02
N PRO D 225 7.72 1.20 36.84
CA PRO D 225 8.19 0.79 38.17
C PRO D 225 9.19 -0.35 38.10
N CYS D 226 9.13 -1.12 37.01
CA CYS D 226 10.01 -2.26 36.82
C CYS D 226 11.42 -1.88 36.40
N ILE D 227 11.58 -0.66 35.90
CA ILE D 227 12.86 -0.18 35.40
C ILE D 227 13.91 -0.14 36.51
N ASP D 228 15.08 -0.69 36.23
CA ASP D 228 16.18 -0.74 37.17
C ASP D 228 15.77 -1.36 38.51
N THR D 229 14.97 -2.43 38.43
CA THR D 229 14.84 -3.39 39.51
C THR D 229 15.95 -4.39 39.26
N PRO D 230 16.28 -5.22 40.26
CA PRO D 230 17.37 -6.18 40.07
C PRO D 230 17.12 -7.16 38.92
N ALA D 231 15.87 -7.60 38.77
CA ALA D 231 15.55 -8.61 37.76
C ALA D 231 15.67 -8.01 36.36
N TYR D 232 15.37 -6.72 36.24
CA TYR D 232 15.57 -5.96 34.99
C TYR D 232 17.05 -5.82 34.63
N GLN D 233 17.82 -5.34 35.60
CA GLN D 233 19.23 -5.06 35.39
C GLN D 233 20.02 -6.33 35.03
N ALA D 234 19.66 -7.46 35.65
CA ALA D 234 20.29 -8.75 35.36
C ALA D 234 19.85 -9.31 34.01
N GLY D 235 18.56 -9.20 33.71
CA GLY D 235 18.07 -9.62 32.41
C GLY D 235 18.71 -8.78 31.31
N ARG D 236 18.84 -7.48 31.58
CA ARG D 236 19.43 -6.59 30.59
C ARG D 236 20.87 -6.98 30.27
N PHE D 237 21.62 -7.34 31.31
CA PHE D 237 23.02 -7.74 31.16
C PHE D 237 23.13 -8.98 30.28
N ASP D 238 22.17 -9.90 30.47
CA ASP D 238 22.13 -11.17 29.75
C ASP D 238 21.79 -10.94 28.26
N ILE D 239 20.79 -10.12 27.99
CA ILE D 239 20.52 -9.65 26.63
C ILE D 239 21.82 -9.09 26.03
N ASN D 240 22.47 -8.22 26.77
CA ASN D 240 23.70 -7.67 26.27
C ASN D 240 24.75 -8.70 25.90
N ALA D 241 24.96 -9.66 26.78
CA ALA D 241 25.94 -10.68 26.53
C ALA D 241 25.63 -11.53 25.29
N ARG D 242 24.37 -11.76 25.05
CA ARG D 242 23.94 -12.50 23.89
C ARG D 242 24.32 -11.78 22.61
N ALA D 243 24.27 -10.46 22.63
CA ALA D 243 24.72 -9.71 21.45
C ALA D 243 26.24 -9.90 21.26
N LEU D 244 27.00 -9.77 22.34
CA LEU D 244 28.44 -9.97 22.26
C LEU D 244 28.78 -11.36 21.72
N ALA D 245 28.02 -12.38 22.14
CA ALA D 245 28.24 -13.73 21.63
C ALA D 245 27.86 -13.82 20.14
N ALA D 246 26.76 -13.17 19.77
CA ALA D 246 26.37 -13.08 18.36
C ALA D 246 27.50 -12.49 17.51
N LEU D 247 28.19 -11.51 18.06
CA LEU D 247 29.37 -10.93 17.39
C LEU D 247 30.50 -11.90 17.01
N ASP D 248 30.80 -12.88 17.86
CA ASP D 248 31.95 -13.75 17.57
C ASP D 248 31.58 -14.84 16.56
N ALA D 249 30.30 -15.03 16.31
CA ALA D 249 29.87 -16.13 15.48
C ALA D 249 29.39 -15.70 14.08
N LEU D 250 29.55 -14.40 13.75
CA LEU D 250 29.15 -13.88 12.44
C LEU D 250 29.79 -14.66 11.28
N PRO D 251 28.95 -15.06 10.31
CA PRO D 251 29.34 -15.92 9.17
C PRO D 251 30.47 -15.31 8.37
N THR D 252 30.41 -13.99 8.19
CA THR D 252 31.35 -13.24 7.37
C THR D 252 32.09 -12.25 8.24
N ALA D 253 33.42 -12.36 8.27
CA ALA D 253 34.27 -11.56 9.11
C ALA D 253 33.93 -10.06 9.05
N TYR D 254 34.05 -9.39 10.19
CA TYR D 254 33.77 -7.98 10.28
C TYR D 254 34.90 -7.32 11.06
N ARG D 255 35.60 -6.39 10.42
CA ARG D 255 36.51 -5.53 11.13
C ARG D 255 36.27 -4.09 10.68
N MET D 256 36.11 -3.21 11.66
CA MET D 256 35.99 -1.80 11.40
C MET D 256 36.54 -1.08 12.61
N SER D 257 37.85 -0.95 12.61
CA SER D 257 38.54 -0.33 13.73
C SER D 257 38.80 1.13 13.45
N ARG D 258 39.48 1.76 14.40
CA ARG D 258 39.81 3.16 14.32
C ARG D 258 40.62 3.50 13.08
N ASP D 259 41.56 2.63 12.73
CA ASP D 259 42.33 2.83 11.52
C ASP D 259 41.41 2.83 10.29
N ASP D 260 40.41 1.96 10.31
CA ASP D 260 39.44 1.85 9.22
C ASP D 260 38.55 3.09 9.16
N ALA D 261 38.24 3.66 10.33
CA ALA D 261 37.41 4.86 10.43
C ALA D 261 38.16 6.07 9.87
N LEU D 262 39.45 6.14 10.17
CA LEU D 262 40.29 7.19 9.62
C LEU D 262 40.31 7.07 8.11
N GLN D 263 40.54 5.85 7.62
CA GLN D 263 40.59 5.63 6.18
C GLN D 263 39.27 5.96 5.49
N ALA D 264 38.13 5.64 6.12
CA ALA D 264 36.82 6.01 5.56
C ALA D 264 36.65 7.52 5.45
N GLY D 265 37.45 8.27 6.22
CA GLY D 265 37.47 9.71 6.10
C GLY D 265 37.18 10.46 7.38
N LEU D 266 37.19 9.77 8.52
CA LEU D 266 36.96 10.42 9.81
C LEU D 266 38.27 10.94 10.39
N SER D 267 38.21 12.02 11.17
CA SER D 267 39.37 12.50 11.90
C SER D 267 39.55 11.69 13.18
N GLU D 268 40.62 11.96 13.91
CA GLU D 268 40.80 11.42 15.25
C GLU D 268 39.71 11.94 16.19
N ALA D 269 39.46 13.24 16.07
CA ALA D 269 38.46 13.94 16.89
C ALA D 269 37.04 13.45 16.69
N GLN D 270 36.69 13.02 15.48
CA GLN D 270 35.35 12.52 15.18
C GLN D 270 35.18 11.05 15.61
N THR D 271 36.28 10.32 15.68
CA THR D 271 36.20 8.89 16.01
C THR D 271 35.92 8.73 17.51
N ASP D 272 36.52 9.60 18.33
CA ASP D 272 36.26 9.60 19.77
C ASP D 272 34.80 9.91 20.08
N GLU D 273 34.21 10.80 19.29
CA GLU D 273 32.81 11.21 19.44
C GLU D 273 31.90 10.06 19.00
N LEU D 274 32.25 9.42 17.89
CA LEU D 274 31.49 8.30 17.37
C LEU D 274 31.49 7.14 18.36
N ILE D 275 32.67 6.84 18.91
CA ILE D 275 32.80 5.80 19.94
C ILE D 275 31.89 6.13 21.12
N GLN D 276 31.85 7.39 21.53
CA GLN D 276 30.92 7.79 22.58
C GLN D 276 29.46 7.57 22.16
N VAL D 277 29.08 8.13 21.01
CA VAL D 277 27.71 8.00 20.52
C VAL D 277 27.19 6.55 20.33
N ILE D 278 27.97 5.68 19.69
CA ILE D 278 27.52 4.30 19.50
C ILE D 278 27.46 3.58 20.86
N SER D 279 28.38 3.91 21.74
CA SER D 279 28.41 3.34 23.08
C SER D 279 27.12 3.59 23.84
N LEU D 280 26.50 4.75 23.61
CA LEU D 280 25.31 5.10 24.36
C LEU D 280 24.07 4.43 23.75
N PHE D 281 24.07 4.28 22.43
CA PHE D 281 22.93 3.59 21.79
C PHE D 281 23.03 2.08 22.00
N GLN D 282 24.26 1.57 22.11
CA GLN D 282 24.52 0.15 22.35
C GLN D 282 23.96 -0.27 23.71
N TRP D 283 24.32 0.50 24.73
CA TRP D 283 23.72 0.36 26.06
C TRP D 283 22.20 0.42 26.03
N MET D 284 21.70 1.36 25.24
CA MET D 284 20.26 1.57 25.11
C MET D 284 19.54 0.35 24.57
N LEU D 285 20.14 -0.31 23.59
CA LEU D 285 19.40 -1.29 22.79
C LEU D 285 19.10 -2.56 23.59
N SER D 286 19.89 -2.83 24.62
CA SER D 286 19.56 -3.91 25.57
C SER D 286 18.27 -3.61 26.35
N GLY D 287 18.09 -2.33 26.71
CA GLY D 287 16.94 -1.91 27.49
C GLY D 287 15.65 -1.89 26.68
N ILE D 288 15.74 -1.47 25.42
CA ILE D 288 14.52 -1.33 24.63
C ILE D 288 13.98 -2.72 24.26
N VAL D 289 14.85 -3.70 24.04
CA VAL D 289 14.40 -5.07 23.80
C VAL D 289 13.54 -5.64 24.95
N LEU D 290 13.93 -5.37 26.19
CA LEU D 290 13.12 -5.78 27.36
C LEU D 290 11.82 -4.99 27.50
N ASN D 291 11.92 -3.71 27.17
CA ASN D 291 10.84 -2.78 27.41
C ASN D 291 9.66 -3.08 26.51
N VAL D 292 9.94 -3.45 25.27
CA VAL D 292 8.85 -3.74 24.34
C VAL D 292 8.28 -5.12 24.64
N THR D 293 9.12 -5.99 25.19
CA THR D 293 8.67 -7.31 25.61
C THR D 293 7.59 -7.14 26.67
N HIS D 294 7.84 -6.24 27.62
CA HIS D 294 6.89 -5.94 28.69
C HIS D 294 5.62 -5.39 28.07
N PHE D 295 5.80 -4.39 27.21
CA PHE D 295 4.74 -3.83 26.40
C PHE D 295 3.86 -4.87 25.80
N LYS D 296 4.51 -5.82 25.10
CA LYS D 296 3.83 -6.84 24.31
C LYS D 296 3.21 -7.95 25.18
N GLN D 297 3.74 -8.14 26.39
CA GLN D 297 3.11 -9.10 27.30
C GLN D 297 1.93 -8.43 28.02
N GLN D 298 2.00 -7.12 28.19
CA GLN D 298 0.87 -6.36 28.72
C GLN D 298 -0.34 -6.51 27.81
N ALA D 299 -0.08 -6.68 26.51
CA ALA D 299 -1.12 -6.57 25.48
C ALA D 299 -1.67 -7.89 24.94
N LEU D 300 -1.13 -9.01 25.43
CA LEU D 300 -1.71 -10.35 25.21
C LEU D 300 -3.21 -10.36 25.40
#